data_7N3K
#
_entry.id   7N3K
#
_cell.length_a   84.009
_cell.length_b   88.250
_cell.length_c   85.951
_cell.angle_alpha   90.000
_cell.angle_beta   89.990
_cell.angle_gamma   90.000
#
_symmetry.space_group_name_H-M   'P 1 21 1'
#
loop_
_entity.id
_entity.type
_entity.pdbx_description
1 polymer 'Non-structural protein 9'
2 non-polymer (1beta,6beta,7beta,8alpha,9beta,10alpha,13alpha,14R,16beta)-1,6,7,14-tetrahydroxy-7,20-epoxykauran-15-one
3 non-polymer 'SULFATE ION'
#
_entity_poly.entity_id   1
_entity_poly.type   'polypeptide(L)'
_entity_poly.pdbx_seq_one_letter_code
;MAHHHHHHSAALEVLFQGPGNNELSPVALRQMSCAAGTTQTACTDDNALAYYNTTKGGRFVLALLSDLQDLKWARFPKSD
GTGTIYTELEPPCRFVTDTPKGPKVKYLYFIKGLNNLNRGMVLGSLAATVRLQ
;
_entity_poly.pdbx_strand_id   A,B,C,D,E,F,G,H
#
# COMPACT_ATOMS: atom_id res chain seq x y z
N ALA A 10 -17.79 -10.24 -25.80
CA ALA A 10 -16.58 -9.75 -25.15
C ALA A 10 -16.93 -9.00 -23.87
N ALA A 11 -16.40 -9.50 -22.75
CA ALA A 11 -16.93 -9.15 -21.43
C ALA A 11 -15.81 -9.16 -20.39
N LEU A 12 -15.32 -7.95 -20.05
CA LEU A 12 -14.31 -7.65 -19.05
C LEU A 12 -14.93 -7.61 -17.64
N GLU A 13 -14.06 -7.55 -16.63
CA GLU A 13 -14.41 -7.57 -15.22
C GLU A 13 -13.27 -6.93 -14.44
N VAL A 14 -13.59 -6.21 -13.35
CA VAL A 14 -12.61 -5.38 -12.67
C VAL A 14 -12.30 -5.94 -11.27
N LEU A 15 -11.03 -5.99 -10.90
CA LEU A 15 -10.62 -6.50 -9.61
C LEU A 15 -9.87 -5.43 -8.81
N PHE A 16 -10.12 -5.38 -7.50
CA PHE A 16 -9.45 -4.46 -6.58
C PHE A 16 -8.21 -5.15 -6.04
N GLN A 17 -7.05 -4.78 -6.58
CA GLN A 17 -5.84 -5.54 -6.28
C GLN A 17 -4.68 -4.55 -6.32
N GLY A 18 -4.40 -3.94 -5.17
CA GLY A 18 -3.24 -3.11 -5.01
C GLY A 18 -2.51 -3.39 -3.72
N PRO A 19 -1.66 -2.44 -3.28
CA PRO A 19 -0.99 -2.62 -1.98
C PRO A 19 -1.97 -2.53 -0.83
N GLY A 20 -3.02 -1.71 -0.96
CA GLY A 20 -4.14 -1.75 -0.05
C GLY A 20 -5.43 -2.21 -0.69
N ASN A 21 -5.30 -2.88 -1.84
CA ASN A 21 -6.45 -3.43 -2.56
C ASN A 21 -7.38 -2.30 -2.96
N ASN A 22 -6.81 -1.15 -3.25
CA ASN A 22 -7.61 0.00 -3.70
C ASN A 22 -7.14 0.27 -5.12
N GLU A 23 -6.94 -0.78 -5.90
CA GLU A 23 -6.27 -0.61 -7.18
C GLU A 23 -7.11 -1.28 -8.28
N LEU A 24 -7.64 -0.50 -9.22
CA LEU A 24 -8.50 -1.09 -10.25
C LEU A 24 -7.69 -1.82 -11.32
N SER A 25 -7.97 -3.11 -11.47
CA SER A 25 -7.31 -4.03 -12.42
C SER A 25 -8.35 -4.78 -13.24
N PRO A 26 -8.49 -4.50 -14.53
CA PRO A 26 -9.45 -5.23 -15.37
C PRO A 26 -8.94 -6.53 -15.97
N VAL A 27 -9.85 -7.50 -16.04
CA VAL A 27 -9.55 -8.85 -16.52
C VAL A 27 -10.59 -9.23 -17.58
N ALA A 28 -10.11 -9.75 -18.72
CA ALA A 28 -10.98 -10.20 -19.79
C ALA A 28 -11.50 -11.58 -19.47
N LEU A 29 -12.81 -11.77 -19.51
CA LEU A 29 -13.38 -13.08 -19.20
C LEU A 29 -13.34 -13.94 -20.45
N ARG A 30 -12.76 -15.14 -20.33
CA ARG A 30 -12.69 -16.07 -21.44
C ARG A 30 -14.08 -16.71 -21.63
N GLN A 31 -14.22 -17.53 -22.66
CA GLN A 31 -15.48 -18.24 -22.90
C GLN A 31 -15.25 -19.61 -23.54
N MET A 32 -16.31 -20.40 -23.59
CA MET A 32 -16.25 -21.80 -24.03
C MET A 32 -17.67 -22.35 -24.14
N SER A 33 -17.86 -23.38 -24.98
CA SER A 33 -19.17 -24.01 -25.08
C SER A 33 -19.38 -25.00 -23.95
N CYS A 34 -20.57 -24.99 -23.35
CA CYS A 34 -20.93 -25.99 -22.33
C CYS A 34 -22.28 -26.62 -22.67
N ALA A 35 -22.69 -27.60 -21.88
CA ALA A 35 -23.98 -28.24 -22.07
C ALA A 35 -24.94 -27.82 -20.97
N ALA A 36 -26.21 -27.65 -21.31
CA ALA A 36 -27.22 -27.17 -20.36
C ALA A 36 -28.56 -27.84 -20.71
N GLY A 37 -29.55 -27.65 -19.85
CA GLY A 37 -30.84 -28.31 -20.02
C GLY A 37 -31.76 -28.10 -18.83
N THR A 38 -33.00 -28.57 -19.00
CA THR A 38 -34.06 -28.34 -18.01
C THR A 38 -33.71 -28.91 -16.65
N THR A 39 -32.95 -30.00 -16.64
CA THR A 39 -32.60 -30.79 -15.46
C THR A 39 -31.17 -31.28 -15.67
N GLN A 40 -30.64 -31.95 -14.64
CA GLN A 40 -29.21 -32.33 -14.66
C GLN A 40 -28.94 -33.36 -15.75
N THR A 41 -29.82 -34.36 -15.86
CA THR A 41 -29.63 -35.45 -16.83
C THR A 41 -29.91 -35.00 -18.26
N ALA A 42 -30.69 -33.92 -18.46
CA ALA A 42 -30.96 -33.42 -19.81
C ALA A 42 -29.73 -32.83 -20.47
N CYS A 43 -28.73 -32.42 -19.67
CA CYS A 43 -27.48 -31.83 -20.14
C CYS A 43 -26.74 -32.84 -21.00
N THR A 44 -26.68 -32.60 -22.31
CA THR A 44 -26.05 -33.61 -23.14
C THR A 44 -25.13 -32.88 -24.10
N ASP A 45 -25.72 -32.33 -25.16
CA ASP A 45 -24.99 -31.60 -26.19
C ASP A 45 -24.77 -30.14 -25.78
N ASP A 46 -23.69 -29.55 -26.31
CA ASP A 46 -23.42 -28.13 -26.07
C ASP A 46 -24.53 -27.27 -26.64
N ASN A 47 -25.27 -26.55 -25.78
CA ASN A 47 -26.31 -25.62 -26.23
C ASN A 47 -26.18 -24.25 -25.60
N ALA A 48 -24.99 -23.87 -25.13
CA ALA A 48 -24.82 -22.56 -24.54
C ALA A 48 -23.34 -22.21 -24.48
N LEU A 49 -23.09 -20.96 -24.09
CA LEU A 49 -21.74 -20.42 -23.97
C LEU A 49 -21.59 -19.86 -22.56
N ALA A 50 -20.53 -20.27 -21.86
CA ALA A 50 -20.29 -19.83 -20.49
C ALA A 50 -19.07 -18.90 -20.47
N TYR A 51 -19.12 -17.89 -19.59
CA TYR A 51 -18.02 -16.97 -19.34
C TYR A 51 -17.28 -17.37 -18.07
N TYR A 52 -15.94 -17.44 -18.13
CA TYR A 52 -15.17 -17.98 -17.01
C TYR A 52 -13.95 -17.09 -16.72
N ASN A 53 -13.34 -17.31 -15.56
CA ASN A 53 -12.10 -16.62 -15.25
C ASN A 53 -11.01 -17.61 -14.85
N THR A 54 -9.80 -17.43 -15.42
CA THR A 54 -8.65 -18.32 -15.17
C THR A 54 -7.98 -17.90 -13.88
N THR A 55 -8.36 -18.56 -12.79
CA THR A 55 -7.57 -18.53 -11.57
C THR A 55 -6.53 -19.65 -11.62
N LYS A 56 -5.64 -19.65 -10.63
CA LYS A 56 -4.75 -20.78 -10.47
C LYS A 56 -5.54 -21.89 -9.80
N GLY A 57 -5.33 -23.12 -10.26
CA GLY A 57 -6.05 -24.27 -9.76
C GLY A 57 -7.23 -24.70 -10.60
N GLY A 58 -7.96 -23.75 -11.20
CA GLY A 58 -9.13 -24.09 -12.01
C GLY A 58 -9.83 -22.97 -12.77
N ARG A 59 -11.10 -23.20 -13.08
CA ARG A 59 -11.95 -22.26 -13.81
C ARG A 59 -13.21 -21.94 -13.04
N PHE A 60 -13.67 -20.68 -13.17
CA PHE A 60 -14.80 -20.11 -12.43
C PHE A 60 -15.81 -19.57 -13.43
N VAL A 61 -17.00 -20.14 -13.45
CA VAL A 61 -18.02 -19.75 -14.41
C VAL A 61 -18.96 -18.76 -13.76
N LEU A 62 -19.05 -17.56 -14.33
CA LEU A 62 -19.96 -16.54 -13.87
C LEU A 62 -21.37 -16.70 -14.46
N ALA A 63 -21.48 -16.86 -15.76
CA ALA A 63 -22.78 -16.83 -16.39
C ALA A 63 -22.73 -17.57 -17.70
N LEU A 64 -23.90 -18.05 -18.11
CA LEU A 64 -24.13 -18.67 -19.40
C LEU A 64 -24.90 -17.70 -20.29
N LEU A 65 -24.53 -17.68 -21.58
CA LEU A 65 -25.34 -17.11 -22.64
C LEU A 65 -25.85 -18.22 -23.56
N SER A 66 -27.05 -18.05 -24.13
CA SER A 66 -27.73 -19.16 -24.77
C SER A 66 -28.98 -18.68 -25.50
N ASP A 67 -29.38 -19.45 -26.52
CA ASP A 67 -30.61 -19.19 -27.26
C ASP A 67 -31.87 -19.77 -26.61
N LEU A 68 -31.73 -20.78 -25.72
CA LEU A 68 -32.86 -21.47 -25.10
C LEU A 68 -33.18 -20.91 -23.71
N GLN A 69 -34.46 -20.75 -23.40
CA GLN A 69 -34.90 -20.61 -22.01
C GLN A 69 -35.14 -22.01 -21.45
N ASP A 70 -35.77 -22.11 -20.28
CA ASP A 70 -36.00 -23.37 -19.58
C ASP A 70 -34.71 -24.06 -19.18
N LEU A 71 -33.57 -23.40 -19.37
CA LEU A 71 -32.32 -23.90 -18.82
C LEU A 71 -32.32 -23.67 -17.33
N LYS A 72 -32.34 -24.76 -16.55
CA LYS A 72 -32.09 -24.67 -15.13
C LYS A 72 -30.69 -25.16 -14.74
N TRP A 73 -30.02 -25.93 -15.59
CA TRP A 73 -28.76 -26.55 -15.23
C TRP A 73 -27.75 -26.42 -16.33
N ALA A 74 -26.47 -26.53 -15.96
CA ALA A 74 -25.33 -26.58 -16.87
C ALA A 74 -24.26 -27.51 -16.32
N ARG A 75 -23.57 -28.24 -17.19
CA ARG A 75 -22.63 -29.30 -16.80
C ARG A 75 -21.20 -28.95 -17.22
N PHE A 76 -20.23 -29.23 -16.34
CA PHE A 76 -18.83 -28.87 -16.56
C PHE A 76 -17.84 -29.97 -16.16
N PRO A 77 -16.89 -30.33 -17.03
CA PRO A 77 -15.89 -31.33 -16.66
C PRO A 77 -14.94 -30.83 -15.58
N LYS A 78 -14.28 -31.78 -14.92
CA LYS A 78 -13.48 -31.44 -13.75
C LYS A 78 -12.10 -30.91 -14.10
N SER A 79 -11.73 -30.90 -15.39
CA SER A 79 -10.44 -30.43 -15.87
C SER A 79 -9.31 -31.41 -15.53
N ASP A 80 -9.56 -32.36 -14.60
CA ASP A 80 -8.62 -33.41 -14.22
C ASP A 80 -9.00 -34.77 -14.74
N GLY A 81 -10.20 -34.93 -15.30
CA GLY A 81 -10.76 -36.22 -15.63
C GLY A 81 -11.56 -36.87 -14.52
N THR A 82 -11.35 -36.48 -13.25
CA THR A 82 -11.98 -37.14 -12.10
C THR A 82 -13.52 -37.14 -12.17
N GLY A 83 -14.15 -36.38 -13.08
CA GLY A 83 -15.61 -36.39 -13.22
C GLY A 83 -16.15 -35.11 -13.88
N THR A 84 -17.35 -34.70 -13.43
CA THR A 84 -18.08 -33.55 -13.96
C THR A 84 -18.75 -32.81 -12.81
N ILE A 85 -19.19 -31.58 -13.09
CA ILE A 85 -19.78 -30.66 -12.11
C ILE A 85 -21.00 -30.00 -12.73
N TYR A 86 -22.15 -30.11 -12.08
CA TYR A 86 -23.40 -29.53 -12.57
C TYR A 86 -23.77 -28.36 -11.67
N THR A 87 -23.77 -27.15 -12.25
CA THR A 87 -24.14 -25.93 -11.52
C THR A 87 -25.55 -25.50 -11.86
N GLU A 88 -26.30 -25.07 -10.85
CA GLU A 88 -27.66 -24.60 -11.05
C GLU A 88 -27.64 -23.14 -11.47
N LEU A 89 -28.48 -22.79 -12.45
CA LEU A 89 -28.58 -21.46 -13.05
C LEU A 89 -29.75 -20.70 -12.43
N GLU A 90 -29.62 -19.37 -12.39
CA GLU A 90 -30.71 -18.51 -11.97
C GLU A 90 -31.70 -18.38 -13.12
N PRO A 91 -32.89 -17.87 -12.85
CA PRO A 91 -33.78 -17.46 -13.94
C PRO A 91 -33.05 -16.64 -14.99
N PRO A 92 -33.38 -16.82 -16.25
CA PRO A 92 -32.69 -16.07 -17.29
C PRO A 92 -33.17 -14.63 -17.43
N CYS A 93 -32.19 -13.74 -17.63
CA CYS A 93 -32.47 -12.42 -18.15
C CYS A 93 -32.58 -12.50 -19.67
N ARG A 94 -33.63 -11.91 -20.20
CA ARG A 94 -33.87 -11.83 -21.64
C ARG A 94 -33.26 -10.54 -22.17
N PHE A 95 -32.65 -10.62 -23.35
CA PHE A 95 -32.18 -9.40 -24.00
C PHE A 95 -32.08 -9.64 -25.49
N VAL A 96 -31.96 -8.55 -26.24
CA VAL A 96 -32.07 -8.58 -27.69
C VAL A 96 -30.92 -7.78 -28.29
N THR A 97 -30.04 -8.44 -29.06
CA THR A 97 -29.05 -7.69 -29.81
C THR A 97 -29.49 -7.60 -31.27
N ASP A 98 -28.55 -7.30 -32.17
CA ASP A 98 -28.87 -6.97 -33.57
C ASP A 98 -27.78 -7.53 -34.47
N THR A 99 -27.89 -8.83 -34.76
CA THR A 99 -27.11 -9.47 -35.82
C THR A 99 -27.58 -8.93 -37.18
N PRO A 100 -26.81 -9.16 -38.26
CA PRO A 100 -27.33 -8.82 -39.60
C PRO A 100 -28.43 -9.75 -40.09
N LYS A 101 -28.57 -10.96 -39.53
CA LYS A 101 -29.72 -11.82 -39.84
C LYS A 101 -31.04 -11.20 -39.38
N GLY A 102 -31.08 -10.61 -38.18
CA GLY A 102 -32.26 -9.98 -37.63
C GLY A 102 -32.05 -9.49 -36.21
N PRO A 103 -33.13 -9.39 -35.42
CA PRO A 103 -32.94 -9.22 -33.97
C PRO A 103 -32.70 -10.61 -33.38
N LYS A 104 -31.57 -10.77 -32.67
CA LYS A 104 -31.23 -12.06 -32.07
C LYS A 104 -31.62 -12.02 -30.59
N VAL A 105 -32.69 -12.75 -30.24
CA VAL A 105 -33.08 -12.97 -28.85
C VAL A 105 -32.10 -13.96 -28.22
N LYS A 106 -31.46 -13.54 -27.13
CA LYS A 106 -30.52 -14.33 -26.34
C LYS A 106 -30.98 -14.38 -24.88
N TYR A 107 -30.54 -15.40 -24.15
CA TYR A 107 -30.96 -15.60 -22.78
C TYR A 107 -29.71 -15.69 -21.90
N LEU A 108 -29.58 -14.77 -20.94
CA LEU A 108 -28.40 -14.66 -20.09
C LEU A 108 -28.71 -15.27 -18.73
N TYR A 109 -27.91 -16.24 -18.31
CA TYR A 109 -28.11 -16.95 -17.06
C TYR A 109 -26.98 -16.64 -16.10
N PHE A 110 -27.29 -16.32 -14.85
CA PHE A 110 -26.22 -16.28 -13.85
C PHE A 110 -26.21 -17.57 -13.03
N ILE A 111 -25.04 -17.91 -12.51
CA ILE A 111 -24.90 -19.08 -11.65
C ILE A 111 -25.54 -18.80 -10.31
N LYS A 112 -26.30 -19.75 -9.76
CA LYS A 112 -26.92 -19.50 -8.46
C LYS A 112 -25.81 -19.25 -7.47
N GLY A 113 -25.86 -18.09 -6.80
CA GLY A 113 -24.90 -17.71 -5.81
C GLY A 113 -23.92 -16.63 -6.25
N LEU A 114 -23.75 -16.43 -7.57
CA LEU A 114 -22.89 -15.37 -8.07
C LEU A 114 -23.24 -14.06 -7.38
N ASN A 115 -22.26 -13.40 -6.76
CA ASN A 115 -22.67 -12.23 -5.98
C ASN A 115 -23.05 -11.09 -6.91
N ASN A 116 -23.89 -10.18 -6.39
CA ASN A 116 -24.44 -9.10 -7.22
C ASN A 116 -23.35 -8.23 -7.81
N LEU A 117 -22.21 -8.09 -7.12
CA LEU A 117 -21.16 -7.24 -7.66
C LEU A 117 -20.72 -7.76 -9.02
N ASN A 118 -20.51 -9.07 -9.13
CA ASN A 118 -20.09 -9.63 -10.40
C ASN A 118 -21.20 -9.57 -11.45
N ARG A 119 -22.46 -9.82 -11.04
CA ARG A 119 -23.60 -9.66 -11.94
C ARG A 119 -23.55 -8.30 -12.62
N GLY A 120 -23.28 -7.25 -11.84
CA GLY A 120 -23.16 -5.91 -12.41
C GLY A 120 -22.01 -5.80 -13.41
N MET A 121 -20.81 -6.28 -13.02
CA MET A 121 -19.67 -6.22 -13.94
C MET A 121 -19.95 -6.97 -15.24
N VAL A 122 -20.51 -8.17 -15.16
CA VAL A 122 -20.93 -8.88 -16.37
C VAL A 122 -21.92 -8.03 -17.19
N LEU A 123 -22.96 -7.47 -16.53
CA LEU A 123 -24.00 -6.74 -17.27
C LEU A 123 -23.48 -5.43 -17.84
N GLY A 124 -22.74 -4.65 -17.05
CA GLY A 124 -22.22 -3.40 -17.56
C GLY A 124 -21.14 -3.63 -18.59
N SER A 125 -20.30 -4.63 -18.37
CA SER A 125 -19.36 -5.03 -19.40
C SER A 125 -20.09 -5.40 -20.68
N LEU A 126 -21.25 -6.04 -20.55
CA LEU A 126 -21.98 -6.53 -21.72
C LEU A 126 -22.67 -5.39 -22.46
N ALA A 127 -23.43 -4.55 -21.76
CA ALA A 127 -24.24 -3.51 -22.41
C ALA A 127 -23.42 -2.49 -23.21
N ALA A 128 -22.13 -2.30 -22.89
CA ALA A 128 -21.26 -1.42 -23.67
C ALA A 128 -20.73 -2.10 -24.92
N THR A 129 -20.02 -3.23 -24.76
CA THR A 129 -19.44 -3.97 -25.88
C THR A 129 -20.47 -4.38 -26.91
N VAL A 130 -21.62 -4.91 -26.47
CA VAL A 130 -22.65 -5.40 -27.36
C VAL A 130 -23.67 -4.31 -27.67
N ARG A 131 -24.64 -4.63 -28.51
CA ARG A 131 -25.37 -3.62 -29.26
C ARG A 131 -26.83 -3.68 -28.85
N LEU A 132 -27.11 -3.56 -27.56
CA LEU A 132 -28.45 -3.81 -27.03
C LEU A 132 -29.47 -2.81 -27.58
N GLN A 133 -30.70 -3.29 -27.77
CA GLN A 133 -31.79 -2.41 -28.18
C GLN A 133 -33.01 -2.68 -27.29
N ALA B 10 -21.35 7.91 -21.87
CA ALA B 10 -20.27 7.81 -20.88
C ALA B 10 -20.04 6.35 -20.43
N ALA B 11 -21.02 5.80 -19.70
CA ALA B 11 -20.96 4.44 -19.19
C ALA B 11 -22.39 3.92 -19.11
N LEU B 12 -22.69 2.81 -19.79
CA LEU B 12 -24.06 2.32 -19.97
C LEU B 12 -24.40 1.26 -18.94
N GLU B 13 -25.24 1.61 -17.96
CA GLU B 13 -25.81 0.63 -17.04
C GLU B 13 -27.00 -0.12 -17.68
N VAL B 14 -27.66 -1.00 -16.92
CA VAL B 14 -28.72 -1.88 -17.39
C VAL B 14 -29.82 -1.94 -16.35
N LEU B 15 -31.04 -2.24 -16.81
CA LEU B 15 -32.19 -2.31 -15.92
C LEU B 15 -33.05 -3.48 -16.38
N PHE B 16 -33.66 -4.22 -15.43
CA PHE B 16 -34.53 -5.34 -15.80
C PHE B 16 -35.96 -4.85 -16.02
N GLN B 17 -36.34 -4.72 -17.30
CA GLN B 17 -37.69 -4.34 -17.71
C GLN B 17 -38.39 -5.52 -18.37
N GLY B 18 -39.42 -5.23 -19.18
CA GLY B 18 -40.18 -6.27 -19.85
C GLY B 18 -41.24 -6.86 -18.93
N PRO B 19 -42.22 -7.55 -19.52
CA PRO B 19 -43.36 -8.08 -18.74
C PRO B 19 -43.02 -8.85 -17.47
N GLY B 20 -42.11 -9.82 -17.54
CA GLY B 20 -41.71 -10.56 -16.35
C GLY B 20 -40.53 -10.01 -15.55
N ASN B 21 -40.16 -8.74 -15.82
CA ASN B 21 -39.00 -8.08 -15.21
C ASN B 21 -37.71 -8.80 -15.54
N ASN B 22 -37.60 -9.25 -16.81
CA ASN B 22 -36.45 -10.00 -17.29
C ASN B 22 -35.78 -9.41 -18.51
N GLU B 23 -36.43 -8.47 -19.21
CA GLU B 23 -35.83 -7.87 -20.40
C GLU B 23 -34.73 -6.90 -19.97
N LEU B 24 -33.58 -6.97 -20.64
CA LEU B 24 -32.44 -6.11 -20.34
C LEU B 24 -32.54 -4.87 -21.22
N SER B 25 -32.83 -3.74 -20.63
CA SER B 25 -32.75 -2.51 -21.40
C SER B 25 -31.54 -1.73 -20.91
N PRO B 26 -30.70 -1.18 -21.78
CA PRO B 26 -29.59 -0.35 -21.31
C PRO B 26 -30.08 0.99 -20.78
N VAL B 27 -29.14 1.75 -20.21
CA VAL B 27 -29.31 3.14 -19.80
C VAL B 27 -27.93 3.78 -19.87
N ALA B 28 -27.74 4.78 -20.72
CA ALA B 28 -26.47 5.50 -20.63
C ALA B 28 -26.49 6.36 -19.35
N LEU B 29 -25.33 6.89 -19.00
CA LEU B 29 -25.21 7.75 -17.82
C LEU B 29 -24.55 9.06 -18.24
N ARG B 30 -25.31 10.16 -18.16
CA ARG B 30 -24.74 11.48 -18.34
C ARG B 30 -23.79 11.79 -17.19
N GLN B 31 -22.86 12.70 -17.44
CA GLN B 31 -21.93 13.13 -16.42
C GLN B 31 -22.03 14.65 -16.25
N MET B 32 -21.59 15.12 -15.09
CA MET B 32 -21.58 16.55 -14.83
C MET B 32 -20.49 16.83 -13.83
N SER B 33 -20.11 18.10 -13.73
CA SER B 33 -19.12 18.53 -12.76
C SER B 33 -19.80 18.67 -11.41
N CYS B 34 -18.99 18.80 -10.38
CA CYS B 34 -19.49 19.10 -9.05
C CYS B 34 -18.31 19.37 -8.13
N ALA B 35 -18.61 19.71 -6.89
CA ALA B 35 -17.60 20.02 -5.89
C ALA B 35 -17.44 18.85 -4.94
N ALA B 36 -16.20 18.52 -4.63
CA ALA B 36 -15.85 17.58 -3.57
C ALA B 36 -14.82 18.23 -2.66
N GLY B 37 -14.62 17.60 -1.52
CA GLY B 37 -13.69 18.13 -0.53
C GLY B 37 -13.48 17.07 0.51
N THR B 38 -12.71 17.42 1.52
CA THR B 38 -12.46 16.48 2.60
C THR B 38 -13.43 16.67 3.76
N THR B 39 -14.15 17.79 3.76
CA THR B 39 -15.26 18.06 4.66
C THR B 39 -16.32 18.82 3.85
N GLN B 40 -17.38 19.26 4.53
CA GLN B 40 -18.49 19.82 3.79
C GLN B 40 -18.16 21.24 3.33
N THR B 41 -17.33 21.95 4.08
CA THR B 41 -16.91 23.29 3.70
C THR B 41 -15.82 23.28 2.64
N ALA B 42 -15.03 22.20 2.54
CA ALA B 42 -13.97 22.11 1.54
C ALA B 42 -14.51 21.88 0.14
N CYS B 43 -15.82 21.71 -0.02
CA CYS B 43 -16.47 21.52 -1.32
C CYS B 43 -16.82 22.91 -1.80
N THR B 44 -15.91 23.54 -2.54
CA THR B 44 -16.05 24.95 -2.87
C THR B 44 -15.77 25.25 -4.34
N ASP B 45 -15.55 24.23 -5.16
CA ASP B 45 -14.94 24.42 -6.46
C ASP B 45 -14.93 23.09 -7.18
N ASP B 46 -15.14 23.13 -8.51
CA ASP B 46 -15.43 21.95 -9.30
C ASP B 46 -14.19 21.09 -9.54
N ASN B 47 -13.85 20.28 -8.55
CA ASN B 47 -12.72 19.37 -8.68
C ASN B 47 -13.17 17.91 -8.88
N ALA B 48 -14.24 17.69 -9.65
CA ALA B 48 -14.68 16.31 -9.82
C ALA B 48 -15.80 16.21 -10.85
N LEU B 49 -15.88 15.01 -11.43
CA LEU B 49 -16.83 14.60 -12.46
C LEU B 49 -17.71 13.47 -11.92
N ALA B 50 -19.01 13.70 -11.85
CA ALA B 50 -19.95 12.77 -11.27
C ALA B 50 -20.79 12.08 -12.35
N TYR B 51 -20.99 10.78 -12.19
CA TYR B 51 -21.84 9.99 -13.08
C TYR B 51 -23.22 9.88 -12.46
N TYR B 52 -24.27 10.29 -13.21
CA TYR B 52 -25.66 10.33 -12.76
C TYR B 52 -26.59 9.68 -13.79
N ASN B 53 -27.87 9.54 -13.40
CA ASN B 53 -28.93 8.92 -14.20
C ASN B 53 -30.18 9.80 -14.18
N THR B 54 -30.74 10.11 -15.37
CA THR B 54 -31.91 10.99 -15.53
C THR B 54 -33.16 10.23 -15.15
N THR B 55 -33.58 10.37 -13.90
CA THR B 55 -34.77 9.69 -13.42
C THR B 55 -35.98 10.62 -13.55
N LYS B 56 -37.04 10.31 -12.82
CA LYS B 56 -38.21 11.16 -12.67
C LYS B 56 -38.21 11.87 -11.33
N GLY B 57 -37.70 11.22 -10.29
CA GLY B 57 -37.56 11.89 -8.98
C GLY B 57 -36.52 13.00 -9.06
N GLY B 58 -35.74 13.03 -10.13
CA GLY B 58 -34.72 14.08 -10.32
C GLY B 58 -33.42 13.54 -10.89
N ARG B 59 -32.30 13.79 -10.22
CA ARG B 59 -31.00 13.29 -10.66
C ARG B 59 -30.40 12.46 -9.54
N PHE B 60 -29.85 11.30 -9.90
CA PHE B 60 -29.38 10.30 -8.95
C PHE B 60 -27.92 9.97 -9.24
N VAL B 61 -27.05 10.13 -8.23
CA VAL B 61 -25.60 10.05 -8.41
C VAL B 61 -25.07 8.71 -7.91
N LEU B 62 -24.28 8.04 -8.76
CA LEU B 62 -23.65 6.75 -8.52
C LEU B 62 -22.21 6.86 -8.03
N ALA B 63 -21.33 7.54 -8.76
CA ALA B 63 -19.95 7.67 -8.31
C ALA B 63 -19.33 8.96 -8.80
N LEU B 64 -18.10 9.18 -8.34
CA LEU B 64 -17.31 10.38 -8.56
C LEU B 64 -15.93 10.04 -9.11
N LEU B 65 -15.39 10.98 -9.90
CA LEU B 65 -14.16 10.80 -10.65
C LEU B 65 -13.34 12.06 -10.45
N SER B 66 -12.14 11.95 -9.89
CA SER B 66 -11.40 13.15 -9.52
C SER B 66 -9.92 12.80 -9.42
N ASP B 67 -9.09 13.86 -9.43
CA ASP B 67 -7.65 13.65 -9.28
C ASP B 67 -7.21 13.52 -7.82
N LEU B 68 -7.95 14.09 -6.86
CA LEU B 68 -7.55 14.04 -5.44
C LEU B 68 -7.88 12.69 -4.80
N GLN B 69 -7.14 12.34 -3.73
CA GLN B 69 -7.31 11.02 -3.11
C GLN B 69 -7.82 11.03 -1.66
N ASP B 70 -7.91 12.19 -0.99
CA ASP B 70 -8.42 12.26 0.37
C ASP B 70 -9.85 12.77 0.42
N LEU B 71 -10.52 12.85 -0.73
CA LEU B 71 -11.87 13.40 -0.77
C LEU B 71 -12.81 12.54 0.05
N LYS B 72 -13.77 13.19 0.72
CA LYS B 72 -14.78 12.47 1.49
C LYS B 72 -16.22 12.89 1.22
N TRP B 73 -16.46 14.03 0.57
CA TRP B 73 -17.81 14.57 0.46
C TRP B 73 -18.03 15.09 -0.94
N ALA B 74 -19.29 15.34 -1.27
CA ALA B 74 -19.60 15.88 -2.57
C ALA B 74 -20.88 16.71 -2.48
N ARG B 75 -20.96 17.75 -3.33
CA ARG B 75 -21.95 18.83 -3.20
C ARG B 75 -22.79 18.86 -4.47
N PHE B 76 -24.11 18.74 -4.33
CA PHE B 76 -24.99 18.84 -5.49
C PHE B 76 -26.18 19.75 -5.20
N PRO B 77 -26.54 20.63 -6.13
CA PRO B 77 -27.90 21.19 -6.12
C PRO B 77 -28.94 20.09 -6.04
N LYS B 78 -30.14 20.45 -5.56
CA LYS B 78 -31.21 19.48 -5.61
C LYS B 78 -31.85 19.49 -7.00
N SER B 79 -32.99 18.81 -7.13
CA SER B 79 -33.74 18.88 -8.41
C SER B 79 -34.25 20.33 -8.52
N ASP B 80 -33.89 21.05 -9.59
CA ASP B 80 -34.26 22.49 -9.77
C ASP B 80 -33.45 23.37 -8.82
N GLY B 81 -32.40 22.83 -8.17
CA GLY B 81 -31.51 23.61 -7.30
C GLY B 81 -32.23 24.42 -6.23
N THR B 82 -33.37 23.93 -5.71
CA THR B 82 -34.01 24.64 -4.61
C THR B 82 -33.25 24.65 -3.28
N GLY B 83 -32.21 23.83 -3.16
CA GLY B 83 -31.32 23.75 -2.00
C GLY B 83 -29.99 23.11 -2.39
N THR B 84 -29.47 22.24 -1.53
CA THR B 84 -28.15 21.63 -1.70
C THR B 84 -28.09 20.32 -0.92
N ILE B 85 -27.42 19.30 -1.49
CA ILE B 85 -27.21 18.01 -0.84
C ILE B 85 -25.72 17.63 -0.77
N TYR B 86 -25.32 17.05 0.37
CA TYR B 86 -23.98 16.53 0.60
C TYR B 86 -24.05 15.02 0.85
N THR B 87 -23.37 14.24 -0.01
CA THR B 87 -23.33 12.78 0.06
C THR B 87 -21.90 12.30 0.34
N GLU B 88 -21.80 11.35 1.25
CA GLU B 88 -20.48 10.81 1.63
C GLU B 88 -20.00 9.91 0.51
N LEU B 89 -18.69 9.90 0.25
CA LEU B 89 -18.10 9.03 -0.75
C LEU B 89 -17.44 7.84 -0.07
N GLU B 90 -17.27 6.75 -0.86
CA GLU B 90 -16.57 5.62 -0.27
C GLU B 90 -15.06 5.82 -0.41
N PRO B 91 -14.26 5.01 0.28
CA PRO B 91 -12.83 4.95 -0.05
C PRO B 91 -12.62 4.83 -1.55
N PRO B 92 -11.58 5.50 -2.08
CA PRO B 92 -11.44 5.61 -3.55
C PRO B 92 -10.81 4.40 -4.24
N CYS B 93 -11.24 4.16 -5.47
CA CYS B 93 -10.61 3.16 -6.34
C CYS B 93 -9.57 3.86 -7.19
N ARG B 94 -8.34 3.35 -7.18
CA ARG B 94 -7.27 3.97 -7.95
C ARG B 94 -7.17 3.31 -9.33
N PHE B 95 -7.06 4.14 -10.36
CA PHE B 95 -6.89 3.61 -11.70
C PHE B 95 -6.14 4.64 -12.54
N VAL B 96 -5.84 4.25 -13.78
CA VAL B 96 -5.04 5.07 -14.70
C VAL B 96 -5.75 5.08 -16.05
N THR B 97 -6.23 6.25 -16.50
CA THR B 97 -6.84 6.39 -17.83
C THR B 97 -5.90 7.11 -18.77
N ASP B 98 -6.16 6.91 -20.06
CA ASP B 98 -5.48 7.66 -21.12
C ASP B 98 -6.32 8.90 -21.34
N THR B 99 -5.96 9.98 -20.64
CA THR B 99 -6.64 11.28 -20.93
C THR B 99 -6.01 11.62 -22.28
N PRO B 100 -6.58 12.51 -23.16
CA PRO B 100 -5.92 12.83 -24.43
C PRO B 100 -4.87 13.93 -24.22
N LYS B 101 -4.46 14.16 -22.97
CA LYS B 101 -3.40 15.13 -22.72
C LYS B 101 -2.25 14.49 -21.94
N GLY B 102 -2.06 13.17 -22.07
CA GLY B 102 -1.13 12.44 -21.24
C GLY B 102 -1.84 11.47 -20.31
N PRO B 103 -1.24 10.30 -20.09
CA PRO B 103 -1.82 9.35 -19.13
C PRO B 103 -1.88 9.92 -17.71
N LYS B 104 -3.09 9.87 -17.12
CA LYS B 104 -3.47 10.60 -15.91
C LYS B 104 -4.04 9.64 -14.86
N VAL B 105 -3.54 9.71 -13.62
CA VAL B 105 -4.09 8.98 -12.46
C VAL B 105 -5.37 9.66 -11.97
N LYS B 106 -6.51 8.95 -12.06
CA LYS B 106 -7.78 9.39 -11.51
C LYS B 106 -8.24 8.40 -10.43
N TYR B 107 -9.11 8.90 -9.54
CA TYR B 107 -9.68 8.12 -8.45
C TYR B 107 -11.19 7.98 -8.63
N LEU B 108 -11.72 6.82 -8.28
CA LEU B 108 -13.17 6.56 -8.33
C LEU B 108 -13.75 6.51 -6.92
N TYR B 109 -14.85 7.24 -6.72
CA TYR B 109 -15.57 7.26 -5.45
C TYR B 109 -16.99 6.86 -5.69
N PHE B 110 -17.38 5.72 -5.14
CA PHE B 110 -18.77 5.37 -5.09
C PHE B 110 -19.46 6.17 -4.00
N ILE B 111 -20.64 6.70 -4.32
CA ILE B 111 -21.51 7.27 -3.28
C ILE B 111 -21.80 6.21 -2.23
N LYS B 112 -21.65 6.57 -0.96
CA LYS B 112 -21.86 5.60 0.11
C LYS B 112 -23.33 5.25 0.11
N GLY B 113 -23.65 3.95 0.07
CA GLY B 113 -25.03 3.52 -0.07
C GLY B 113 -25.34 2.85 -1.38
N LEU B 114 -24.70 3.29 -2.47
CA LEU B 114 -24.88 2.68 -3.80
C LEU B 114 -24.64 1.17 -3.71
N ASN B 115 -25.56 0.38 -4.27
CA ASN B 115 -25.48 -1.05 -4.00
C ASN B 115 -24.48 -1.72 -4.95
N ASN B 116 -24.14 -2.96 -4.61
CA ASN B 116 -23.05 -3.66 -5.31
C ASN B 116 -23.37 -3.87 -6.78
N LEU B 117 -24.59 -4.30 -7.10
CA LEU B 117 -24.94 -4.48 -8.51
C LEU B 117 -24.67 -3.23 -9.33
N ASN B 118 -25.02 -2.04 -8.80
CA ASN B 118 -24.67 -0.82 -9.54
C ASN B 118 -23.17 -0.55 -9.49
N ARG B 119 -22.51 -0.88 -8.40
CA ARG B 119 -21.04 -0.71 -8.36
C ARG B 119 -20.43 -1.52 -9.49
N GLY B 120 -20.87 -2.77 -9.65
CA GLY B 120 -20.39 -3.62 -10.72
C GLY B 120 -20.78 -3.20 -12.13
N MET B 121 -22.02 -2.78 -12.34
CA MET B 121 -22.34 -2.23 -13.65
C MET B 121 -21.44 -1.08 -13.99
N VAL B 122 -21.19 -0.18 -13.03
CA VAL B 122 -20.35 0.98 -13.35
C VAL B 122 -18.91 0.55 -13.70
N LEU B 123 -18.35 -0.40 -12.96
CA LEU B 123 -16.98 -0.83 -13.24
C LEU B 123 -16.85 -1.53 -14.60
N GLY B 124 -17.55 -2.67 -14.78
CA GLY B 124 -17.55 -3.34 -16.08
C GLY B 124 -18.03 -2.45 -17.23
N SER B 125 -18.77 -1.39 -16.93
CA SER B 125 -19.04 -0.41 -17.98
C SER B 125 -17.83 0.50 -18.20
N LEU B 126 -17.06 0.77 -17.15
CA LEU B 126 -15.82 1.52 -17.31
C LEU B 126 -14.69 0.65 -17.82
N ALA B 127 -14.61 -0.62 -17.37
CA ALA B 127 -13.57 -1.51 -17.89
C ALA B 127 -13.69 -1.66 -19.39
N ALA B 128 -14.92 -1.79 -19.91
CA ALA B 128 -15.12 -1.97 -21.35
C ALA B 128 -14.88 -0.67 -22.13
N THR B 129 -15.38 0.47 -21.63
CA THR B 129 -15.38 1.70 -22.41
C THR B 129 -14.07 2.50 -22.29
N VAL B 130 -13.83 3.17 -21.16
CA VAL B 130 -12.61 3.96 -21.04
C VAL B 130 -11.41 3.03 -20.90
N ARG B 131 -10.27 3.47 -21.41
CA ARG B 131 -9.05 2.70 -21.29
C ARG B 131 -8.52 2.85 -19.88
N LEU B 132 -8.40 1.73 -19.16
CA LEU B 132 -7.69 1.68 -17.89
C LEU B 132 -6.22 1.31 -18.13
N GLN B 133 -5.48 1.00 -17.06
CA GLN B 133 -4.07 0.60 -17.22
C GLN B 133 -3.55 -0.17 -16.00
N ALA C 10 -16.87 -5.47 28.31
CA ALA C 10 -15.71 -5.71 27.43
C ALA C 10 -15.05 -4.39 26.99
N ALA C 11 -15.86 -3.48 26.42
CA ALA C 11 -15.43 -2.12 26.07
C ALA C 11 -16.67 -1.22 26.10
N LEU C 12 -16.60 -0.11 26.87
CA LEU C 12 -17.77 0.60 27.42
C LEU C 12 -18.23 1.78 26.56
N GLU C 13 -19.49 1.74 26.07
CA GLU C 13 -20.22 2.83 25.36
C GLU C 13 -20.87 3.82 26.35
N VAL C 14 -21.36 4.96 25.85
CA VAL C 14 -21.91 6.03 26.71
C VAL C 14 -23.32 6.45 26.28
N LEU C 15 -24.17 6.82 27.26
CA LEU C 15 -25.54 7.25 27.03
C LEU C 15 -25.83 8.56 27.76
N PHE C 16 -26.94 9.21 27.37
CA PHE C 16 -27.38 10.51 27.91
C PHE C 16 -28.67 10.27 28.70
N GLN C 17 -28.52 9.88 29.97
CA GLN C 17 -29.61 9.40 30.80
C GLN C 17 -29.67 10.25 32.06
N GLY C 18 -30.29 11.42 31.98
CA GLY C 18 -30.47 12.25 33.14
C GLY C 18 -31.83 12.90 33.14
N PRO C 19 -31.98 13.97 33.93
CA PRO C 19 -33.21 14.77 33.87
C PRO C 19 -33.51 15.26 32.45
N GLY C 20 -32.68 16.17 31.93
CA GLY C 20 -32.84 16.60 30.55
C GLY C 20 -31.92 15.87 29.61
N ASN C 21 -31.58 14.62 29.96
CA ASN C 21 -30.58 13.83 29.25
C ASN C 21 -29.24 14.53 29.28
N ASN C 22 -29.13 15.48 30.19
CA ASN C 22 -27.92 16.25 30.39
C ASN C 22 -26.98 15.46 31.31
N GLU C 23 -26.60 14.25 30.89
CA GLU C 23 -26.10 13.27 31.88
C GLU C 23 -25.43 12.02 31.32
N LEU C 24 -24.20 11.73 31.73
CA LEU C 24 -23.42 10.66 31.10
C LEU C 24 -23.55 9.36 31.88
N SER C 25 -24.13 8.35 31.26
CA SER C 25 -24.24 7.02 31.85
C SER C 25 -23.47 6.03 30.99
N PRO C 26 -22.31 5.56 31.44
CA PRO C 26 -21.56 4.57 30.66
C PRO C 26 -22.22 3.21 30.76
N VAL C 27 -21.85 2.34 29.83
CA VAL C 27 -22.44 1.02 29.62
C VAL C 27 -21.40 0.14 28.93
N ALA C 28 -21.00 -0.95 29.57
CA ALA C 28 -20.11 -1.88 28.89
C ALA C 28 -20.88 -2.66 27.85
N LEU C 29 -20.18 -3.06 26.80
CA LEU C 29 -20.76 -3.90 25.76
C LEU C 29 -20.29 -5.33 25.99
N ARG C 30 -21.23 -6.27 25.91
CA ARG C 30 -20.90 -7.68 26.10
C ARG C 30 -20.56 -8.36 24.77
N GLN C 31 -19.82 -9.45 24.85
CA GLN C 31 -19.34 -10.13 23.66
C GLN C 31 -19.73 -11.61 23.69
N MET C 32 -20.03 -12.13 22.50
CA MET C 32 -20.45 -13.49 22.30
C MET C 32 -19.90 -14.02 20.99
N SER C 33 -19.65 -15.33 20.94
CA SER C 33 -19.42 -15.97 19.66
C SER C 33 -20.63 -15.78 18.74
N CYS C 34 -20.36 -15.67 17.44
CA CYS C 34 -21.41 -15.76 16.44
C CYS C 34 -20.81 -16.23 15.13
N ALA C 35 -21.69 -16.56 14.20
CA ALA C 35 -21.28 -17.02 12.89
C ALA C 35 -21.26 -15.85 11.91
N ALA C 36 -20.56 -16.07 10.80
CA ALA C 36 -20.28 -15.01 9.84
C ALA C 36 -19.61 -15.64 8.63
N GLY C 37 -19.93 -15.12 7.44
CA GLY C 37 -19.51 -15.75 6.21
C GLY C 37 -19.29 -14.70 5.15
N THR C 38 -18.95 -15.15 3.93
CA THR C 38 -18.98 -14.24 2.78
C THR C 38 -20.40 -14.08 2.25
N THR C 39 -21.21 -15.10 2.50
CA THR C 39 -22.57 -15.19 2.03
C THR C 39 -23.37 -15.73 3.21
N GLN C 40 -24.67 -15.42 3.24
CA GLN C 40 -25.49 -15.84 4.37
C GLN C 40 -25.47 -17.35 4.57
N THR C 41 -25.18 -18.11 3.51
CA THR C 41 -25.23 -19.57 3.61
C THR C 41 -23.96 -20.13 4.23
N ALA C 42 -22.84 -19.39 4.13
CA ALA C 42 -21.56 -19.76 4.74
C ALA C 42 -21.47 -19.39 6.22
N CYS C 43 -22.56 -18.93 6.82
CA CYS C 43 -22.62 -18.62 8.24
C CYS C 43 -22.86 -19.91 8.98
N THR C 44 -21.78 -20.64 9.26
CA THR C 44 -21.97 -21.82 10.08
C THR C 44 -21.09 -21.83 11.30
N ASP C 45 -19.78 -21.91 11.09
CA ASP C 45 -18.86 -22.07 12.20
C ASP C 45 -18.72 -20.70 12.88
N ASP C 46 -18.40 -20.71 14.18
CA ASP C 46 -18.35 -19.50 15.01
C ASP C 46 -17.00 -18.79 14.92
N ASN C 47 -16.89 -17.85 13.98
CA ASN C 47 -15.59 -17.27 13.68
C ASN C 47 -15.50 -15.77 13.97
N ALA C 48 -16.43 -15.19 14.70
CA ALA C 48 -16.29 -13.78 15.04
C ALA C 48 -16.76 -13.55 16.47
N LEU C 49 -16.66 -12.30 16.88
CA LEU C 49 -17.02 -11.87 18.22
C LEU C 49 -17.90 -10.64 18.03
N ALA C 50 -19.13 -10.72 18.53
CA ALA C 50 -20.13 -9.68 18.35
C ALA C 50 -20.14 -8.77 19.57
N TYR C 51 -20.01 -7.47 19.36
CA TYR C 51 -20.18 -6.48 20.42
C TYR C 51 -21.63 -6.02 20.43
N TYR C 52 -22.33 -6.22 21.56
CA TYR C 52 -23.78 -5.97 21.62
C TYR C 52 -24.14 -5.15 22.86
N ASN C 53 -25.19 -4.35 22.72
CA ASN C 53 -25.74 -3.60 23.83
C ASN C 53 -26.99 -4.34 24.31
N THR C 54 -26.99 -4.79 25.56
CA THR C 54 -28.22 -5.36 26.12
C THR C 54 -29.25 -4.25 26.28
N THR C 55 -30.12 -4.06 25.29
CA THR C 55 -31.22 -3.10 25.41
C THR C 55 -32.31 -3.81 26.22
N LYS C 56 -33.45 -3.14 26.42
CA LYS C 56 -34.64 -3.86 26.83
C LYS C 56 -35.10 -4.88 25.78
N GLY C 57 -35.63 -5.99 26.26
CA GLY C 57 -36.08 -7.02 25.33
C GLY C 57 -35.01 -7.99 24.89
N GLY C 58 -33.93 -7.49 24.29
CA GLY C 58 -32.91 -8.39 23.79
C GLY C 58 -31.67 -7.64 23.35
N ARG C 59 -30.74 -8.41 22.76
CA ARG C 59 -29.43 -7.93 22.37
C ARG C 59 -29.45 -7.21 21.02
N PHE C 60 -28.56 -6.23 20.91
CA PHE C 60 -28.47 -5.30 19.76
C PHE C 60 -27.00 -5.15 19.38
N VAL C 61 -26.61 -5.63 18.17
CA VAL C 61 -25.21 -5.77 17.77
C VAL C 61 -24.70 -4.54 17.04
N LEU C 62 -23.54 -4.03 17.46
CA LEU C 62 -22.88 -2.85 16.88
C LEU C 62 -21.70 -3.13 15.95
N ALA C 63 -20.94 -4.21 16.19
CA ALA C 63 -19.70 -4.48 15.50
C ALA C 63 -19.26 -5.92 15.73
N LEU C 64 -18.65 -6.52 14.72
CA LEU C 64 -17.98 -7.79 14.87
C LEU C 64 -16.45 -7.62 14.95
N LEU C 65 -15.83 -8.51 15.71
CA LEU C 65 -14.38 -8.64 15.73
C LEU C 65 -14.03 -10.05 15.24
N SER C 66 -12.94 -10.18 14.49
CA SER C 66 -12.71 -11.44 13.78
C SER C 66 -11.31 -11.50 13.19
N ASP C 67 -10.75 -12.71 13.15
CA ASP C 67 -9.45 -12.89 12.50
C ASP C 67 -9.50 -12.77 10.98
N LEU C 68 -10.67 -12.84 10.35
CA LEU C 68 -10.79 -12.97 8.89
C LEU C 68 -11.08 -11.63 8.25
N GLN C 69 -10.75 -11.49 6.94
CA GLN C 69 -11.36 -10.44 6.11
C GLN C 69 -12.52 -11.03 5.33
N ASP C 70 -13.02 -10.29 4.34
CA ASP C 70 -14.02 -10.81 3.40
C ASP C 70 -15.23 -11.43 4.12
N LEU C 71 -15.65 -10.81 5.21
CA LEU C 71 -16.91 -11.12 5.86
C LEU C 71 -17.94 -10.08 5.45
N LYS C 72 -19.07 -10.53 4.88
CA LYS C 72 -20.19 -9.62 4.57
C LYS C 72 -21.41 -9.83 5.47
N TRP C 73 -21.64 -11.06 5.93
CA TRP C 73 -22.86 -11.43 6.67
C TRP C 73 -22.53 -11.97 8.06
N ALA C 74 -23.36 -11.60 9.02
CA ALA C 74 -23.31 -12.14 10.36
C ALA C 74 -24.69 -12.72 10.69
N ARG C 75 -24.71 -13.87 11.37
CA ARG C 75 -25.94 -14.62 11.63
C ARG C 75 -26.23 -14.69 13.12
N PHE C 76 -27.49 -14.49 13.50
CA PHE C 76 -27.90 -14.46 14.90
C PHE C 76 -29.22 -15.16 15.06
N PRO C 77 -29.24 -16.39 15.58
CA PRO C 77 -30.52 -16.99 15.98
C PRO C 77 -31.34 -16.04 16.85
N LYS C 78 -32.63 -15.99 16.56
CA LYS C 78 -33.57 -15.21 17.35
C LYS C 78 -33.72 -15.85 18.72
N SER C 79 -33.98 -15.01 19.72
CA SER C 79 -34.17 -15.52 21.08
C SER C 79 -35.45 -16.36 21.23
N ASP C 80 -36.43 -16.22 20.33
CA ASP C 80 -37.70 -16.94 20.49
C ASP C 80 -37.58 -18.43 20.29
N GLY C 81 -36.40 -18.94 19.91
CA GLY C 81 -36.32 -20.28 19.36
C GLY C 81 -36.94 -20.41 17.99
N THR C 82 -37.38 -19.32 17.38
CA THR C 82 -38.19 -19.35 16.18
C THR C 82 -37.43 -18.88 14.95
N GLY C 83 -36.92 -17.65 14.96
CA GLY C 83 -36.31 -17.06 13.80
C GLY C 83 -34.78 -17.14 13.78
N THR C 84 -34.20 -16.30 12.91
CA THR C 84 -32.78 -16.25 12.60
C THR C 84 -32.56 -14.93 11.88
N ILE C 85 -31.60 -14.12 12.33
CA ILE C 85 -31.43 -12.75 11.83
C ILE C 85 -30.04 -12.60 11.24
N TYR C 86 -29.97 -12.31 9.92
CA TYR C 86 -28.72 -12.07 9.21
C TYR C 86 -28.50 -10.57 9.06
N THR C 87 -27.32 -10.09 9.48
CA THR C 87 -26.97 -8.67 9.46
C THR C 87 -25.85 -8.40 8.45
N GLU C 88 -25.92 -7.25 7.80
CA GLU C 88 -24.98 -6.89 6.75
C GLU C 88 -23.81 -6.12 7.35
N LEU C 89 -22.60 -6.41 6.87
CA LEU C 89 -21.40 -5.83 7.42
C LEU C 89 -20.81 -4.80 6.47
N GLU C 90 -20.24 -3.76 7.08
CA GLU C 90 -19.58 -2.69 6.31
C GLU C 90 -18.18 -3.21 6.05
N PRO C 91 -17.44 -2.67 5.09
CA PRO C 91 -16.08 -3.08 4.90
C PRO C 91 -15.27 -3.10 6.18
N PRO C 92 -14.26 -3.98 6.31
CA PRO C 92 -13.50 -4.11 7.54
C PRO C 92 -12.49 -3.05 7.95
N CYS C 93 -12.11 -3.04 9.24
CA CYS C 93 -11.09 -2.10 9.73
C CYS C 93 -9.87 -2.91 10.17
N ARG C 94 -8.75 -2.75 9.49
CA ARG C 94 -7.57 -3.58 9.81
C ARG C 94 -6.84 -2.93 10.96
N PHE C 95 -6.46 -3.73 11.93
CA PHE C 95 -5.69 -3.20 13.05
C PHE C 95 -4.93 -4.36 13.66
N VAL C 96 -3.96 -4.04 14.52
CA VAL C 96 -3.09 -5.09 15.13
C VAL C 96 -3.15 -4.94 16.65
N THR C 97 -3.35 -6.03 17.38
CA THR C 97 -3.45 -5.98 18.86
C THR C 97 -2.47 -6.96 19.47
N ASP C 98 -2.23 -6.82 20.78
CA ASP C 98 -1.24 -7.68 21.45
C ASP C 98 -1.93 -8.68 22.36
N THR C 99 -2.32 -9.79 21.80
CA THR C 99 -2.92 -10.91 22.48
C THR C 99 -1.86 -11.69 23.24
N PRO C 100 -2.24 -12.46 24.25
CA PRO C 100 -1.24 -13.23 24.98
C PRO C 100 -0.78 -14.50 24.28
N LYS C 101 -0.83 -14.56 22.95
CA LYS C 101 -0.17 -15.62 22.19
C LYS C 101 0.80 -15.07 21.15
N GLY C 102 1.17 -13.79 21.26
CA GLY C 102 1.84 -13.07 20.22
C GLY C 102 0.95 -11.95 19.67
N PRO C 103 1.53 -11.04 18.88
CA PRO C 103 0.71 -10.07 18.16
C PRO C 103 -0.10 -10.72 17.05
N LYS C 104 -1.31 -10.21 16.85
CA LYS C 104 -2.27 -10.79 15.92
C LYS C 104 -2.90 -9.68 15.10
N VAL C 105 -3.18 -9.96 13.84
CA VAL C 105 -3.88 -9.01 12.97
C VAL C 105 -5.38 -9.32 12.97
N LYS C 106 -6.19 -8.31 13.27
CA LYS C 106 -7.64 -8.46 13.46
C LYS C 106 -8.40 -7.43 12.60
N TYR C 107 -9.68 -7.71 12.35
CA TYR C 107 -10.53 -6.87 11.51
C TYR C 107 -11.85 -6.57 12.21
N LEU C 108 -12.20 -5.28 12.29
CA LEU C 108 -13.41 -4.77 12.93
C LEU C 108 -14.52 -4.47 11.90
N TYR C 109 -15.63 -5.17 11.99
CA TYR C 109 -16.74 -4.95 11.06
C TYR C 109 -17.81 -4.11 11.72
N PHE C 110 -18.23 -3.06 11.05
CA PHE C 110 -19.29 -2.24 11.58
C PHE C 110 -20.57 -2.71 10.92
N ILE C 111 -21.65 -2.76 11.70
CA ILE C 111 -22.99 -3.06 11.21
C ILE C 111 -23.41 -1.95 10.25
N LYS C 112 -23.86 -2.34 9.07
CA LYS C 112 -24.30 -1.34 8.09
C LYS C 112 -25.42 -0.54 8.72
N GLY C 113 -25.44 0.76 8.48
CA GLY C 113 -26.44 1.60 9.10
C GLY C 113 -26.15 2.07 10.51
N LEU C 114 -25.15 1.52 11.20
CA LEU C 114 -24.73 2.09 12.49
C LEU C 114 -24.40 3.57 12.35
N ASN C 115 -25.03 4.43 13.16
CA ASN C 115 -24.74 5.86 13.02
C ASN C 115 -23.31 6.18 13.46
N ASN C 116 -22.84 7.37 13.08
CA ASN C 116 -21.42 7.68 13.27
C ASN C 116 -21.08 7.93 14.73
N LEU C 117 -22.07 8.39 15.53
CA LEU C 117 -21.85 8.57 16.96
C LEU C 117 -21.45 7.27 17.64
N ASN C 118 -22.03 6.15 17.18
CA ASN C 118 -21.69 4.88 17.81
C ASN C 118 -20.36 4.35 17.28
N ARG C 119 -20.17 4.36 15.95
CA ARG C 119 -18.87 3.97 15.39
C ARG C 119 -17.75 4.60 16.23
N GLY C 120 -17.88 5.91 16.48
CA GLY C 120 -16.88 6.61 17.27
C GLY C 120 -16.74 6.02 18.66
N MET C 121 -17.87 5.86 19.36
CA MET C 121 -17.82 5.35 20.73
C MET C 121 -17.12 4.00 20.77
N VAL C 122 -17.46 3.09 19.86
CA VAL C 122 -16.76 1.81 19.81
C VAL C 122 -15.25 2.04 19.67
N LEU C 123 -14.83 2.89 18.72
CA LEU C 123 -13.40 3.15 18.52
C LEU C 123 -12.70 3.76 19.74
N GLY C 124 -13.25 4.83 20.35
CA GLY C 124 -12.62 5.37 21.54
C GLY C 124 -12.55 4.36 22.68
N SER C 125 -13.69 3.73 22.98
CA SER C 125 -13.80 2.63 23.92
C SER C 125 -12.84 1.48 23.62
N LEU C 126 -12.28 1.43 22.42
CA LEU C 126 -11.43 0.32 22.01
C LEU C 126 -9.96 0.71 21.96
N ALA C 127 -9.69 1.99 21.68
CA ALA C 127 -8.33 2.50 21.55
C ALA C 127 -7.67 2.66 22.92
N ALA C 128 -8.49 2.79 23.97
CA ALA C 128 -8.01 2.84 25.35
C ALA C 128 -7.91 1.44 25.95
N THR C 129 -8.93 0.60 25.73
CA THR C 129 -9.06 -0.66 26.45
C THR C 129 -8.09 -1.72 25.94
N VAL C 130 -7.81 -1.75 24.62
CA VAL C 130 -6.74 -2.56 24.06
C VAL C 130 -5.80 -1.66 23.28
N ARG C 131 -4.77 -2.25 22.72
CA ARG C 131 -3.75 -1.49 22.04
C ARG C 131 -3.81 -1.90 20.59
N LEU C 132 -4.16 -0.94 19.74
CA LEU C 132 -4.10 -1.07 18.29
C LEU C 132 -2.82 -0.41 17.82
N GLN C 133 -2.34 -0.83 16.67
CA GLN C 133 -1.01 -0.38 16.28
C GLN C 133 -1.00 0.15 14.84
N ALA D 10 -7.01 12.49 30.36
CA ALA D 10 -6.36 11.91 29.17
C ALA D 10 -7.37 11.17 28.28
N ALA D 11 -7.40 11.54 26.98
CA ALA D 11 -8.37 11.04 26.00
C ALA D 11 -7.68 10.46 24.77
N LEU D 12 -8.44 10.22 23.68
CA LEU D 12 -7.95 9.43 22.55
C LEU D 12 -8.82 9.66 21.32
N GLU D 13 -8.30 9.25 20.16
CA GLU D 13 -8.98 9.41 18.88
C GLU D 13 -8.40 8.38 17.91
N VAL D 14 -9.09 8.16 16.79
CA VAL D 14 -8.71 7.09 15.85
C VAL D 14 -8.89 7.59 14.41
N LEU D 15 -8.02 7.13 13.51
CA LEU D 15 -8.07 7.57 12.13
C LEU D 15 -7.84 6.39 11.19
N PHE D 16 -8.08 6.63 9.89
CA PHE D 16 -8.07 5.58 8.88
C PHE D 16 -6.92 5.85 7.91
N GLN D 17 -5.81 5.14 8.10
CA GLN D 17 -4.49 5.52 7.60
C GLN D 17 -3.73 4.29 7.12
N GLY D 18 -3.99 3.88 5.88
CA GLY D 18 -3.09 2.95 5.27
C GLY D 18 -3.13 2.99 3.76
N PRO D 19 -2.52 1.98 3.15
CA PRO D 19 -2.57 1.80 1.69
C PRO D 19 -3.99 1.87 1.17
N GLY D 20 -4.78 0.87 1.56
CA GLY D 20 -6.22 1.01 1.58
C GLY D 20 -6.48 1.75 2.88
N ASN D 21 -7.44 2.64 2.86
CA ASN D 21 -7.59 3.60 3.96
C ASN D 21 -8.54 2.86 4.89
N ASN D 22 -8.04 1.80 5.51
CA ASN D 22 -8.89 0.95 6.38
C ASN D 22 -8.03 0.60 7.58
N GLU D 23 -6.85 1.17 7.70
CA GLU D 23 -5.95 0.81 8.80
C GLU D 23 -6.20 1.67 10.04
N LEU D 24 -6.38 1.02 11.20
CA LEU D 24 -6.72 1.77 12.42
C LEU D 24 -5.46 2.31 13.12
N SER D 25 -5.48 3.62 13.39
CA SER D 25 -4.31 4.37 13.85
C SER D 25 -4.72 5.23 15.05
N PRO D 26 -4.45 4.79 16.28
CA PRO D 26 -4.76 5.63 17.45
C PRO D 26 -3.84 6.85 17.53
N VAL D 27 -4.35 7.90 18.15
CA VAL D 27 -3.66 9.17 18.30
C VAL D 27 -4.04 9.74 19.66
N ALA D 28 -3.05 10.07 20.46
CA ALA D 28 -3.33 10.68 21.76
C ALA D 28 -3.77 12.13 21.60
N LEU D 29 -4.83 12.49 22.33
CA LEU D 29 -5.26 13.87 22.44
C LEU D 29 -4.40 14.56 23.51
N ARG D 30 -3.59 15.53 23.09
CA ARG D 30 -2.91 16.38 24.06
C ARG D 30 -3.91 17.30 24.75
N GLN D 31 -3.61 17.63 25.99
CA GLN D 31 -4.39 18.52 26.82
C GLN D 31 -3.63 19.82 27.08
N MET D 32 -4.36 20.83 27.57
CA MET D 32 -3.83 22.17 27.80
C MET D 32 -4.92 22.97 28.52
N SER D 33 -4.57 24.20 28.93
CA SER D 33 -5.52 25.05 29.65
C SER D 33 -6.07 26.16 28.76
N CYS D 34 -7.18 26.73 29.22
CA CYS D 34 -7.92 27.72 28.45
C CYS D 34 -8.91 28.42 29.37
N ALA D 35 -9.24 29.65 29.02
CA ALA D 35 -10.24 30.39 29.74
C ALA D 35 -11.58 30.20 29.07
N ALA D 36 -12.61 29.88 29.82
CA ALA D 36 -13.97 29.90 29.32
C ALA D 36 -14.84 30.78 30.22
N GLY D 37 -16.04 31.09 29.76
CA GLY D 37 -16.88 32.00 30.52
C GLY D 37 -18.30 32.00 30.00
N THR D 38 -19.12 32.82 30.66
CA THR D 38 -20.52 32.94 30.24
C THR D 38 -20.62 33.66 28.90
N THR D 39 -19.89 34.75 28.74
CA THR D 39 -19.77 35.47 27.48
CA THR D 39 -19.77 35.49 27.51
C THR D 39 -18.30 35.48 27.06
N GLN D 40 -17.98 36.32 26.08
CA GLN D 40 -16.60 36.35 25.63
C GLN D 40 -15.71 37.10 26.63
N THR D 41 -16.26 38.14 27.26
CA THR D 41 -15.50 38.94 28.23
C THR D 41 -15.22 38.15 29.51
N ALA D 42 -16.18 37.34 29.97
CA ALA D 42 -15.97 36.55 31.19
C ALA D 42 -14.80 35.59 31.07
N CYS D 43 -14.32 35.30 29.85
CA CYS D 43 -13.20 34.40 29.65
C CYS D 43 -11.90 35.07 30.08
N THR D 44 -11.45 34.83 31.32
CA THR D 44 -10.36 35.63 31.89
C THR D 44 -9.16 34.77 32.30
N ASP D 45 -9.29 33.95 33.35
CA ASP D 45 -8.25 33.02 33.78
C ASP D 45 -8.59 31.59 33.34
N ASP D 46 -7.58 30.73 33.36
CA ASP D 46 -7.73 29.33 32.96
C ASP D 46 -8.67 28.61 33.92
N ASN D 47 -9.88 28.27 33.44
CA ASN D 47 -10.83 27.48 34.23
C ASN D 47 -11.37 26.30 33.41
N ALA D 48 -10.53 25.68 32.58
CA ALA D 48 -10.96 24.48 31.88
C ALA D 48 -9.77 23.77 31.27
N LEU D 49 -9.93 22.47 31.05
CA LEU D 49 -8.94 21.67 30.33
C LEU D 49 -9.53 21.34 28.97
N ALA D 50 -8.80 21.67 27.90
CA ALA D 50 -9.27 21.47 26.54
C ALA D 50 -8.48 20.34 25.91
N TYR D 51 -9.15 19.44 25.19
CA TYR D 51 -8.49 18.34 24.49
C TYR D 51 -8.29 18.70 23.01
N TYR D 52 -7.07 18.57 22.51
CA TYR D 52 -6.79 19.09 21.17
C TYR D 52 -5.94 18.11 20.37
N ASN D 53 -5.74 18.47 19.09
CA ASN D 53 -5.02 17.64 18.13
C ASN D 53 -4.11 18.53 17.29
N THR D 54 -2.81 18.18 17.25
CA THR D 54 -1.77 18.94 16.54
C THR D 54 -1.75 18.50 15.07
N THR D 55 -2.36 19.30 14.21
CA THR D 55 -2.11 19.15 12.78
C THR D 55 -0.83 19.89 12.43
N LYS D 56 -0.38 19.71 11.18
CA LYS D 56 0.83 20.41 10.74
C LYS D 56 0.63 21.92 10.72
N GLY D 57 -0.62 22.39 10.64
CA GLY D 57 -0.89 23.81 10.55
C GLY D 57 -2.00 24.33 11.45
N GLY D 58 -1.96 23.99 12.73
CA GLY D 58 -2.91 24.51 13.69
C GLY D 58 -3.12 23.56 14.83
N ARG D 59 -3.64 24.11 15.92
CA ARG D 59 -4.12 23.31 17.05
C ARG D 59 -5.65 23.25 16.98
N PHE D 60 -6.20 22.03 17.07
CA PHE D 60 -7.63 21.78 16.81
C PHE D 60 -8.32 21.31 18.09
N VAL D 61 -9.18 22.19 18.65
CA VAL D 61 -9.87 21.92 19.92
C VAL D 61 -11.10 21.06 19.68
N LEU D 62 -11.26 19.99 20.48
CA LEU D 62 -12.42 19.10 20.39
C LEU D 62 -13.43 19.31 21.49
N ALA D 63 -12.98 19.29 22.76
CA ALA D 63 -13.83 19.27 23.95
C ALA D 63 -13.22 20.13 25.05
N LEU D 64 -14.08 20.72 25.87
CA LEU D 64 -13.71 21.34 27.13
C LEU D 64 -14.24 20.52 28.29
N LEU D 65 -13.57 20.67 29.43
CA LEU D 65 -13.79 19.86 30.62
C LEU D 65 -13.64 20.79 31.81
N SER D 66 -14.71 20.99 32.58
CA SER D 66 -14.67 22.04 33.60
C SER D 66 -15.69 21.76 34.68
N ASP D 67 -15.44 22.35 35.86
CA ASP D 67 -16.29 22.25 37.05
C ASP D 67 -17.55 23.14 36.95
N LEU D 68 -17.78 23.76 35.80
CA LEU D 68 -18.78 24.82 35.64
C LEU D 68 -19.84 24.44 34.61
N GLN D 69 -21.12 24.43 35.01
CA GLN D 69 -22.19 24.11 34.06
C GLN D 69 -22.70 25.33 33.27
N ASP D 70 -22.15 26.52 33.53
CA ASP D 70 -22.65 27.76 32.96
C ASP D 70 -21.80 28.30 31.81
N LEU D 71 -20.72 27.61 31.46
CA LEU D 71 -19.87 28.07 30.37
C LEU D 71 -20.59 28.00 29.04
N LYS D 72 -20.59 29.12 28.29
CA LYS D 72 -21.07 29.08 26.92
C LYS D 72 -19.99 29.40 25.89
N TRP D 73 -18.81 29.84 26.32
CA TRP D 73 -17.77 30.35 25.43
C TRP D 73 -16.40 29.92 25.95
N ALA D 74 -15.45 29.80 25.02
CA ALA D 74 -14.05 29.47 25.31
C ALA D 74 -13.14 30.45 24.58
N ARG D 75 -11.90 30.53 25.06
CA ARG D 75 -10.89 31.46 24.48
C ARG D 75 -9.50 30.83 24.48
N PHE D 76 -8.91 30.63 23.30
CA PHE D 76 -7.57 30.07 23.10
C PHE D 76 -6.64 31.10 22.44
N PRO D 77 -5.34 31.13 22.78
CA PRO D 77 -4.38 31.87 21.94
C PRO D 77 -4.28 31.24 20.55
N LYS D 78 -3.47 31.83 19.67
CA LYS D 78 -3.47 31.31 18.28
C LYS D 78 -2.25 30.52 17.83
N SER D 79 -2.03 30.42 16.52
CA SER D 79 -0.89 29.64 15.96
C SER D 79 0.44 30.01 16.62
N ASP D 80 0.78 31.31 16.64
CA ASP D 80 2.06 31.76 17.23
C ASP D 80 1.76 32.98 18.10
N GLY D 81 0.63 32.96 18.82
CA GLY D 81 0.24 34.12 19.64
C GLY D 81 0.07 35.30 18.70
N THR D 82 -0.33 35.04 17.45
CA THR D 82 -0.60 36.12 16.50
C THR D 82 -2.12 36.36 16.55
N GLY D 83 -2.76 36.05 17.70
CA GLY D 83 -4.19 36.36 17.83
C GLY D 83 -4.90 35.53 18.88
N THR D 84 -6.23 35.46 18.81
CA THR D 84 -7.04 34.66 19.77
C THR D 84 -8.20 33.99 19.03
N ILE D 85 -8.76 32.93 19.59
CA ILE D 85 -9.94 32.28 18.95
C ILE D 85 -11.00 32.15 20.01
N TYR D 86 -12.22 32.53 19.69
CA TYR D 86 -13.36 32.30 20.59
C TYR D 86 -14.29 31.31 19.93
N THR D 87 -14.25 30.04 20.34
CA THR D 87 -15.14 29.03 19.79
C THR D 87 -16.33 28.87 20.72
N GLU D 88 -17.52 28.70 20.16
CA GLU D 88 -18.66 28.54 21.06
C GLU D 88 -18.79 27.08 21.48
N LEU D 89 -19.48 26.86 22.59
CA LEU D 89 -19.55 25.53 23.19
C LEU D 89 -20.94 24.91 23.01
N GLU D 90 -20.99 23.60 23.15
CA GLU D 90 -22.24 22.88 23.23
C GLU D 90 -22.78 22.97 24.64
N PRO D 91 -24.06 22.69 24.85
CA PRO D 91 -24.57 22.49 26.25
C PRO D 91 -23.81 21.38 26.94
N PRO D 92 -23.54 21.51 28.25
CA PRO D 92 -22.57 20.59 28.88
C PRO D 92 -23.18 19.22 29.13
N CYS D 93 -22.32 18.21 29.09
CA CYS D 93 -22.65 16.89 29.61
C CYS D 93 -22.17 16.76 31.04
N ARG D 94 -23.00 16.12 31.87
CA ARG D 94 -22.75 16.01 33.29
C ARG D 94 -22.44 14.56 33.66
N PHE D 95 -21.39 14.37 34.46
CA PHE D 95 -20.95 13.04 34.83
C PHE D 95 -20.09 13.17 36.06
N VAL D 96 -19.77 12.03 36.68
CA VAL D 96 -19.08 12.02 37.97
C VAL D 96 -17.80 11.20 37.86
N THR D 97 -16.65 11.84 38.11
CA THR D 97 -15.38 11.16 38.22
C THR D 97 -15.12 10.76 39.67
N ASP D 98 -14.10 9.95 39.89
CA ASP D 98 -13.76 9.48 41.23
C ASP D 98 -12.31 9.76 41.60
N THR D 99 -12.12 10.74 42.46
CA THR D 99 -10.87 11.12 43.09
C THR D 99 -10.70 10.37 44.40
N PRO D 100 -9.47 10.24 44.91
CA PRO D 100 -9.32 9.92 46.34
C PRO D 100 -9.95 10.97 47.28
N LYS D 101 -9.92 12.26 46.91
CA LYS D 101 -10.56 13.30 47.73
C LYS D 101 -12.05 13.03 47.90
N GLY D 102 -12.74 12.73 46.80
CA GLY D 102 -14.14 12.39 46.85
C GLY D 102 -14.75 12.30 45.47
N PRO D 103 -16.07 12.14 45.38
CA PRO D 103 -16.74 12.11 44.08
C PRO D 103 -16.96 13.49 43.52
N LYS D 104 -16.28 13.83 42.42
CA LYS D 104 -16.32 15.17 41.86
C LYS D 104 -17.34 15.22 40.72
N VAL D 105 -18.04 16.34 40.59
CA VAL D 105 -18.89 16.61 39.43
C VAL D 105 -18.07 17.40 38.39
N LYS D 106 -17.98 16.85 37.17
CA LYS D 106 -17.26 17.42 36.03
C LYS D 106 -18.19 17.56 34.83
N TYR D 107 -18.04 18.66 34.06
CA TYR D 107 -18.87 18.95 32.89
C TYR D 107 -18.03 18.91 31.62
N LEU D 108 -18.56 18.23 30.59
CA LEU D 108 -17.92 18.07 29.29
C LEU D 108 -18.56 19.00 28.27
N TYR D 109 -17.74 19.67 27.46
CA TYR D 109 -18.23 20.66 26.50
C TYR D 109 -17.69 20.33 25.12
N PHE D 110 -18.49 19.70 24.28
CA PHE D 110 -18.08 19.68 22.90
C PHE D 110 -18.13 21.10 22.35
N ILE D 111 -17.28 21.38 21.36
CA ILE D 111 -17.26 22.67 20.69
C ILE D 111 -18.39 22.70 19.68
N LYS D 112 -19.20 23.77 19.71
CA LYS D 112 -20.21 23.98 18.66
C LYS D 112 -19.61 23.67 17.30
N GLY D 113 -20.26 22.80 16.56
CA GLY D 113 -19.61 22.37 15.34
C GLY D 113 -19.29 20.88 15.27
N LEU D 114 -18.61 20.34 16.29
CA LEU D 114 -17.85 19.09 16.15
C LEU D 114 -18.70 17.95 15.59
N ASN D 115 -18.12 17.22 14.61
CA ASN D 115 -18.88 16.15 13.97
C ASN D 115 -19.08 15.00 14.97
N ASN D 116 -20.14 14.20 14.73
CA ASN D 116 -20.59 13.13 15.62
C ASN D 116 -19.60 11.99 15.78
N LEU D 117 -18.72 11.77 14.79
CA LEU D 117 -17.71 10.72 14.94
C LEU D 117 -16.74 11.11 16.06
N ASN D 118 -16.27 12.36 16.04
CA ASN D 118 -15.36 12.81 17.09
C ASN D 118 -16.00 12.71 18.49
N ARG D 119 -17.17 13.33 18.71
CA ARG D 119 -17.92 13.13 19.96
C ARG D 119 -17.90 11.66 20.42
N GLY D 120 -18.02 10.73 19.46
CA GLY D 120 -17.98 9.33 19.79
C GLY D 120 -16.63 8.83 20.26
N MET D 121 -15.56 9.17 19.54
CA MET D 121 -14.24 8.75 19.98
C MET D 121 -13.89 9.40 21.32
N VAL D 122 -14.29 10.66 21.52
CA VAL D 122 -14.01 11.34 22.79
C VAL D 122 -14.72 10.63 23.93
N LEU D 123 -16.05 10.52 23.85
CA LEU D 123 -16.85 9.90 24.92
C LEU D 123 -16.38 8.49 25.24
N GLY D 124 -16.13 7.66 24.21
CA GLY D 124 -15.73 6.27 24.44
C GLY D 124 -14.30 6.12 24.92
N SER D 125 -13.43 7.04 24.53
CA SER D 125 -12.06 7.07 25.03
C SER D 125 -12.02 7.55 26.48
N LEU D 126 -12.99 8.38 26.88
CA LEU D 126 -13.05 8.99 28.20
C LEU D 126 -13.85 8.19 29.24
N ALA D 127 -14.67 7.21 28.83
CA ALA D 127 -15.34 6.30 29.76
C ALA D 127 -14.57 5.01 30.03
N ALA D 128 -13.54 4.73 29.23
CA ALA D 128 -12.59 3.64 29.48
C ALA D 128 -11.26 4.16 30.04
N THR D 129 -11.17 5.48 30.34
CA THR D 129 -10.07 6.10 31.07
C THR D 129 -10.48 6.56 32.46
N VAL D 130 -11.41 7.49 32.55
CA VAL D 130 -11.96 7.84 33.84
C VAL D 130 -13.00 6.79 34.22
N ARG D 131 -12.85 6.24 35.42
CA ARG D 131 -13.82 5.27 35.91
C ARG D 131 -15.09 6.05 36.25
N LEU D 132 -15.76 6.50 35.17
CA LEU D 132 -17.00 7.27 35.24
C LEU D 132 -18.09 6.48 35.95
N GLN D 133 -18.64 7.07 37.02
CA GLN D 133 -19.61 6.36 37.88
C GLN D 133 -20.96 6.19 37.20
N ALA E 10 11.52 8.09 9.96
CA ALA E 10 12.93 8.35 9.64
C ALA E 10 13.88 7.46 10.46
N ALA E 11 14.18 7.91 11.68
CA ALA E 11 15.14 7.29 12.58
C ALA E 11 14.93 7.87 13.97
N LEU E 12 14.71 6.98 14.95
CA LEU E 12 14.24 7.30 16.30
C LEU E 12 15.39 7.52 17.28
N GLU E 13 15.15 8.37 18.27
CA GLU E 13 15.94 8.43 19.49
C GLU E 13 15.14 7.79 20.63
N VAL E 14 15.66 7.85 21.86
CA VAL E 14 15.01 7.26 23.02
C VAL E 14 15.19 8.17 24.23
N LEU E 15 14.11 8.38 24.97
CA LEU E 15 14.12 9.30 26.09
C LEU E 15 13.96 8.50 27.38
N PHE E 16 14.56 8.99 28.47
CA PHE E 16 14.51 8.34 29.79
C PHE E 16 13.50 9.02 30.70
N GLN E 17 12.26 9.02 30.28
CA GLN E 17 11.22 9.78 30.98
C GLN E 17 10.29 8.79 31.66
N GLY E 18 10.39 8.74 32.99
CA GLY E 18 9.49 7.95 33.80
C GLY E 18 9.40 8.57 35.17
N PRO E 19 8.68 7.91 36.09
CA PRO E 19 8.61 8.44 37.46
C PRO E 19 9.94 8.45 38.18
N GLY E 20 10.83 7.50 37.85
CA GLY E 20 12.21 7.55 38.25
C GLY E 20 13.20 7.97 37.17
N ASN E 21 12.71 8.23 35.95
CA ASN E 21 13.56 8.47 34.78
C ASN E 21 14.26 7.18 34.35
N ASN E 22 13.54 6.06 34.44
CA ASN E 22 14.05 4.76 34.04
C ASN E 22 13.24 4.22 32.88
N GLU E 23 12.27 5.00 32.41
CA GLU E 23 11.27 4.55 31.46
C GLU E 23 11.76 4.82 30.03
N LEU E 24 11.87 3.78 29.21
CA LEU E 24 12.40 3.94 27.85
C LEU E 24 11.33 4.40 26.88
N SER E 25 11.45 5.65 26.40
CA SER E 25 10.48 6.33 25.54
C SER E 25 11.08 6.61 24.16
N PRO E 26 10.79 5.79 23.15
CA PRO E 26 11.23 6.12 21.78
C PRO E 26 10.48 7.30 21.21
N VAL E 27 11.13 8.02 20.30
CA VAL E 27 10.60 9.24 19.69
C VAL E 27 11.09 9.27 18.26
N ALA E 28 10.15 9.39 17.32
CA ALA E 28 10.53 9.53 15.93
C ALA E 28 11.20 10.89 15.73
N LEU E 29 12.19 10.95 14.86
CA LEU E 29 12.79 12.22 14.50
C LEU E 29 12.21 12.66 13.17
N ARG E 30 11.52 13.81 13.17
CA ARG E 30 11.01 14.39 11.94
C ARG E 30 12.18 14.95 11.12
N GLN E 31 11.92 15.30 9.87
CA GLN E 31 12.97 15.80 8.98
C GLN E 31 12.46 16.92 8.08
N MET E 32 13.40 17.76 7.63
CA MET E 32 13.05 18.96 6.88
C MET E 32 14.26 19.41 6.05
N SER E 33 14.00 19.85 4.80
CA SER E 33 15.12 20.31 3.97
C SER E 33 15.68 21.62 4.51
N CYS E 34 17.00 21.78 4.41
CA CYS E 34 17.64 22.98 4.94
C CYS E 34 18.82 23.39 4.05
N ALA E 35 19.41 24.53 4.37
CA ALA E 35 20.43 25.09 3.52
C ALA E 35 21.79 25.01 4.22
N ALA E 36 22.72 24.24 3.63
CA ALA E 36 24.08 24.12 4.14
C ALA E 36 25.06 24.61 3.07
N GLY E 37 26.34 24.68 3.45
CA GLY E 37 27.40 25.20 2.59
C GLY E 37 28.69 25.38 3.37
N THR E 38 29.73 25.78 2.63
CA THR E 38 31.08 25.79 3.20
C THR E 38 31.25 26.86 4.26
N THR E 39 30.63 28.02 4.05
CA THR E 39 30.68 29.14 4.98
C THR E 39 29.25 29.56 5.29
N GLN E 40 29.11 30.56 6.16
CA GLN E 40 27.78 30.98 6.59
C GLN E 40 26.98 31.55 5.43
N THR E 41 27.62 32.36 4.59
CA THR E 41 26.95 32.98 3.46
C THR E 41 26.75 32.03 2.29
N ALA E 42 27.61 31.01 2.11
CA ALA E 42 27.39 30.02 1.06
C ALA E 42 26.03 29.35 1.18
N CYS E 43 25.47 29.33 2.40
CA CYS E 43 24.17 28.71 2.70
C CYS E 43 23.07 29.50 2.01
N THR E 44 22.61 29.01 0.86
CA THR E 44 21.52 29.73 0.19
C THR E 44 20.38 28.75 -0.13
N ASP E 45 20.66 27.78 -0.99
CA ASP E 45 19.66 26.83 -1.44
C ASP E 45 19.66 25.56 -0.59
N ASP E 46 18.47 25.01 -0.37
CA ASP E 46 18.38 23.71 0.29
C ASP E 46 19.25 22.68 -0.42
N ASN E 47 20.24 22.13 0.30
CA ASN E 47 21.06 21.05 -0.22
C ASN E 47 21.28 19.95 0.81
N ALA E 48 20.30 19.73 1.70
CA ALA E 48 20.54 18.83 2.81
C ALA E 48 19.23 18.55 3.53
N LEU E 49 19.28 17.56 4.42
CA LEU E 49 18.10 17.15 5.18
C LEU E 49 18.49 17.01 6.65
N ALA E 50 17.85 17.79 7.51
CA ALA E 50 18.12 17.77 8.93
C ALA E 50 17.06 16.94 9.65
N TYR E 51 17.52 16.15 10.64
CA TYR E 51 16.67 15.42 11.58
C TYR E 51 16.51 16.27 12.83
N TYR E 52 15.28 16.41 13.32
CA TYR E 52 14.98 17.34 14.40
C TYR E 52 13.99 16.69 15.35
N ASN E 53 13.88 17.26 16.55
CA ASN E 53 12.90 16.78 17.51
C ASN E 53 12.07 17.94 18.02
N THR E 54 10.74 17.80 17.95
CA THR E 54 9.81 18.84 18.36
C THR E 54 9.77 18.85 19.89
N THR E 55 10.29 19.93 20.48
CA THR E 55 9.98 20.28 21.85
C THR E 55 8.92 21.36 21.86
N LYS E 56 8.43 21.71 23.05
CA LYS E 56 7.53 22.85 23.15
C LYS E 56 8.36 24.12 22.96
N GLY E 57 7.79 25.09 22.25
CA GLY E 57 8.43 26.37 22.03
C GLY E 57 9.42 26.43 20.87
N GLY E 58 9.97 25.29 20.44
CA GLY E 58 10.98 25.33 19.40
C GLY E 58 11.29 23.98 18.79
N ARG E 59 12.34 23.96 17.97
CA ARG E 59 12.84 22.76 17.31
C ARG E 59 14.33 22.58 17.59
N PHE E 60 14.80 21.32 17.49
CA PHE E 60 16.14 20.90 17.88
C PHE E 60 16.73 20.03 16.76
N VAL E 61 17.80 20.49 16.14
CA VAL E 61 18.40 19.78 15.01
C VAL E 61 19.57 18.99 15.51
N LEU E 62 19.50 17.67 15.37
CA LEU E 62 20.61 16.81 15.77
C LEU E 62 21.70 16.71 14.71
N ALA E 63 21.32 16.43 13.47
CA ALA E 63 22.32 16.14 12.47
C ALA E 63 21.71 16.32 11.10
N LEU E 64 22.59 16.51 10.12
CA LEU E 64 22.22 16.66 8.72
C LEU E 64 22.60 15.42 7.93
N LEU E 65 21.76 15.09 6.95
CA LEU E 65 22.11 14.20 5.85
C LEU E 65 22.21 15.01 4.54
N SER E 66 23.12 14.62 3.66
CA SER E 66 23.36 15.40 2.45
C SER E 66 24.33 14.67 1.51
N ASP E 67 24.19 14.93 0.20
CA ASP E 67 25.11 14.41 -0.81
C ASP E 67 26.44 15.17 -0.87
N LEU E 68 26.51 16.39 -0.33
CA LEU E 68 27.71 17.23 -0.41
C LEU E 68 28.65 16.96 0.76
N GLN E 69 29.95 17.20 0.54
CA GLN E 69 31.02 16.89 1.49
C GLN E 69 31.73 18.12 2.06
N ASP E 70 31.47 19.31 1.49
CA ASP E 70 32.13 20.54 1.91
C ASP E 70 31.48 21.14 3.14
N LEU E 71 30.25 20.73 3.45
CA LEU E 71 29.40 21.39 4.42
C LEU E 71 30.07 21.54 5.78
N LYS E 72 30.44 22.77 6.14
CA LYS E 72 30.75 23.05 7.53
C LYS E 72 29.60 23.75 8.26
N TRP E 73 28.70 24.41 7.53
CA TRP E 73 27.66 25.24 8.13
C TRP E 73 26.29 24.88 7.58
N ALA E 74 25.27 25.14 8.39
CA ALA E 74 23.88 24.96 7.97
C ALA E 74 23.02 26.10 8.56
N ARG E 75 21.95 26.46 7.84
CA ARG E 75 21.13 27.63 8.11
C ARG E 75 19.69 27.20 8.40
N PHE E 76 19.19 27.58 9.56
CA PHE E 76 17.82 27.30 9.97
C PHE E 76 17.05 28.57 10.29
N PRO E 77 16.04 28.92 9.49
CA PRO E 77 15.25 30.10 9.78
C PRO E 77 14.50 29.94 11.10
N LYS E 78 14.35 31.05 11.82
CA LYS E 78 13.60 31.01 13.07
C LYS E 78 12.15 30.65 12.81
N SER E 79 11.54 29.96 13.77
CA SER E 79 10.11 29.63 13.68
C SER E 79 9.24 30.87 13.67
N ASP E 80 9.73 31.99 14.23
CA ASP E 80 8.96 33.20 14.54
C ASP E 80 8.91 34.18 13.37
N GLY E 81 9.42 33.80 12.20
CA GLY E 81 9.41 34.62 11.00
C GLY E 81 10.48 35.69 10.93
N THR E 82 11.23 35.92 12.02
CA THR E 82 12.01 37.13 12.24
C THR E 82 13.45 36.84 12.61
N GLY E 83 14.01 35.76 12.06
CA GLY E 83 15.36 35.37 12.44
C GLY E 83 15.95 34.36 11.49
N THR E 84 17.23 34.08 11.70
CA THR E 84 17.96 33.02 11.03
C THR E 84 19.10 32.58 11.94
N ILE E 85 19.26 31.26 12.10
CA ILE E 85 20.23 30.65 13.03
C ILE E 85 21.19 29.82 12.21
N TYR E 86 22.47 30.14 12.25
CA TYR E 86 23.51 29.39 11.55
C TYR E 86 24.26 28.47 12.51
N THR E 87 24.20 27.16 12.26
CA THR E 87 24.73 26.16 13.19
C THR E 87 25.94 25.47 12.59
N GLU E 88 27.04 25.46 13.33
CA GLU E 88 28.26 24.83 12.83
C GLU E 88 28.13 23.32 12.95
N LEU E 89 28.61 22.61 11.93
CA LEU E 89 28.51 21.16 11.80
C LEU E 89 29.89 20.55 11.97
N GLU E 90 29.91 19.31 12.47
CA GLU E 90 31.13 18.54 12.67
C GLU E 90 31.65 18.09 11.31
N PRO E 91 32.89 17.62 11.23
CA PRO E 91 33.29 16.83 10.06
C PRO E 91 32.22 15.82 9.72
N PRO E 92 32.08 15.49 8.44
CA PRO E 92 31.05 14.53 8.03
C PRO E 92 31.47 13.07 8.15
N CYS E 93 30.48 12.24 8.48
CA CYS E 93 30.61 10.79 8.47
C CYS E 93 30.17 10.28 7.11
N ARG E 94 31.07 9.61 6.38
CA ARG E 94 30.72 9.07 5.08
C ARG E 94 29.99 7.74 5.24
N PHE E 95 29.00 7.48 4.39
CA PHE E 95 28.40 6.15 4.35
C PHE E 95 27.69 5.90 3.03
N VAL E 96 27.52 4.61 2.70
CA VAL E 96 27.02 4.14 1.40
C VAL E 96 25.73 3.35 1.64
N THR E 97 24.61 3.80 1.10
CA THR E 97 23.43 2.94 1.01
C THR E 97 23.32 2.43 -0.43
N ASP E 98 22.38 1.51 -0.65
CA ASP E 98 22.15 0.93 -1.98
C ASP E 98 20.74 1.28 -2.45
N THR E 99 20.63 2.44 -3.08
CA THR E 99 19.44 2.89 -3.75
C THR E 99 19.22 2.05 -5.01
N PRO E 100 18.06 2.14 -5.66
CA PRO E 100 17.88 1.47 -6.96
C PRO E 100 18.83 1.92 -8.08
N LYS E 101 19.22 3.20 -8.11
CA LYS E 101 20.08 3.70 -9.19
C LYS E 101 21.46 3.04 -9.14
N GLY E 102 22.11 3.04 -7.97
CA GLY E 102 23.39 2.40 -7.80
C GLY E 102 23.78 2.36 -6.33
N PRO E 103 25.08 2.35 -6.04
CA PRO E 103 25.50 2.69 -4.67
C PRO E 103 25.43 4.20 -4.49
N LYS E 104 24.67 4.64 -3.48
CA LYS E 104 24.48 6.06 -3.19
C LYS E 104 25.37 6.46 -2.01
N VAL E 105 26.38 7.31 -2.28
CA VAL E 105 27.25 7.89 -1.24
C VAL E 105 26.57 9.12 -0.63
N LYS E 106 26.36 9.08 0.70
CA LYS E 106 25.73 10.13 1.49
C LYS E 106 26.67 10.57 2.61
N TYR E 107 26.52 11.80 3.10
CA TYR E 107 27.41 12.33 4.13
C TYR E 107 26.56 12.77 5.33
N LEU E 108 26.96 12.32 6.53
CA LEU E 108 26.21 12.52 7.78
C LEU E 108 26.98 13.48 8.66
N TYR E 109 26.36 14.61 8.98
CA TYR E 109 27.00 15.68 9.73
C TYR E 109 26.37 15.73 11.10
N PHE E 110 27.18 15.84 12.15
CA PHE E 110 26.56 16.12 13.44
C PHE E 110 26.74 17.61 13.74
N ILE E 111 25.72 18.21 14.36
CA ILE E 111 25.85 19.55 14.95
C ILE E 111 27.01 19.57 15.92
N LYS E 112 27.77 20.66 15.93
CA LYS E 112 28.81 20.77 16.94
C LYS E 112 28.18 20.76 18.31
N GLY E 113 28.72 19.94 19.21
CA GLY E 113 28.28 19.92 20.58
C GLY E 113 27.21 18.90 20.91
N LEU E 114 26.51 18.37 19.90
CA LEU E 114 25.59 17.26 20.12
C LEU E 114 26.27 16.20 20.96
N ASN E 115 25.67 15.83 22.10
CA ASN E 115 26.35 14.90 23.00
C ASN E 115 26.50 13.53 22.33
N ASN E 116 27.47 12.74 22.81
CA ASN E 116 27.73 11.46 22.13
C ASN E 116 26.59 10.49 22.29
N LEU E 117 25.76 10.64 23.33
CA LEU E 117 24.67 9.70 23.53
C LEU E 117 23.70 9.78 22.36
N ASN E 118 23.36 11.01 21.96
CA ASN E 118 22.49 11.20 20.80
C ASN E 118 23.16 10.76 19.50
N ARG E 119 24.41 11.12 19.33
CA ARG E 119 25.14 10.64 18.13
C ARG E 119 24.90 9.14 18.02
N GLY E 120 25.08 8.43 19.12
CA GLY E 120 24.88 6.98 19.09
C GLY E 120 23.47 6.60 18.69
N MET E 121 22.46 7.27 19.25
CA MET E 121 21.07 6.93 18.91
C MET E 121 20.78 7.23 17.45
N VAL E 122 21.21 8.39 16.95
CA VAL E 122 21.07 8.67 15.53
C VAL E 122 21.72 7.58 14.70
N LEU E 123 23.00 7.27 14.98
CA LEU E 123 23.69 6.18 14.26
C LEU E 123 22.99 4.85 14.45
N GLY E 124 22.70 4.47 15.69
CA GLY E 124 22.07 3.18 15.91
C GLY E 124 20.70 3.10 15.28
N SER E 125 19.96 4.20 15.33
CA SER E 125 18.66 4.27 14.68
C SER E 125 18.84 4.12 13.17
N LEU E 126 19.77 4.89 12.58
CA LEU E 126 20.05 4.83 11.14
C LEU E 126 20.72 3.53 10.72
N ALA E 127 21.54 2.90 11.58
CA ALA E 127 22.32 1.76 11.10
C ALA E 127 21.45 0.52 10.87
N ALA E 128 20.32 0.42 11.58
CA ALA E 128 19.38 -0.68 11.43
C ALA E 128 18.32 -0.38 10.38
N THR E 129 17.75 0.84 10.40
CA THR E 129 16.64 1.17 9.50
C THR E 129 17.07 1.23 8.04
N VAL E 130 18.30 1.66 7.75
CA VAL E 130 18.89 1.43 6.42
C VAL E 130 19.83 0.24 6.51
N ARG E 131 20.49 -0.11 5.41
CA ARG E 131 21.44 -1.20 5.38
C ARG E 131 22.66 -0.70 4.63
N LEU E 132 23.60 -0.16 5.40
CA LEU E 132 24.85 0.39 4.88
C LEU E 132 25.68 -0.76 4.35
N GLN E 133 25.76 -0.90 3.02
CA GLN E 133 26.47 -2.04 2.45
C GLN E 133 27.97 -1.79 2.60
N ALA F 10 21.75 -9.62 16.90
CA ALA F 10 20.42 -9.08 17.15
C ALA F 10 20.29 -7.61 16.69
N ALA F 11 20.64 -6.66 17.57
CA ALA F 11 20.65 -5.22 17.27
C ALA F 11 21.97 -4.80 16.60
N LEU F 12 21.89 -3.79 15.73
CA LEU F 12 22.98 -3.38 14.83
C LEU F 12 23.64 -2.08 15.30
N GLU F 13 24.89 -2.16 15.78
CA GLU F 13 25.67 -0.95 16.09
C GLU F 13 26.47 -0.49 14.86
N VAL F 14 27.42 0.45 15.02
CA VAL F 14 28.16 1.00 13.90
C VAL F 14 29.54 1.40 14.37
N LEU F 15 30.47 1.58 13.42
CA LEU F 15 31.87 1.84 13.71
C LEU F 15 32.46 2.66 12.58
N PHE F 16 33.53 3.40 12.89
CA PHE F 16 34.17 4.34 11.94
C PHE F 16 35.38 3.66 11.28
N GLN F 17 35.14 2.98 10.16
CA GLN F 17 36.13 2.12 9.50
C GLN F 17 36.38 2.59 8.06
N GLY F 18 37.39 3.43 7.88
CA GLY F 18 37.85 3.79 6.55
C GLY F 18 39.23 4.43 6.59
N PRO F 19 39.70 4.96 5.43
CA PRO F 19 41.04 5.57 5.36
C PRO F 19 41.32 6.57 6.47
N GLY F 20 40.59 7.68 6.52
CA GLY F 20 40.69 8.58 7.66
C GLY F 20 39.53 8.38 8.61
N ASN F 21 39.22 7.13 8.94
CA ASN F 21 38.02 6.71 9.68
C ASN F 21 36.86 7.20 8.79
N ASN F 22 35.91 7.93 9.35
CA ASN F 22 34.82 8.58 8.57
C ASN F 22 33.80 7.56 8.10
N GLU F 23 34.23 6.45 7.52
CA GLU F 23 33.24 5.52 6.93
C GLU F 23 32.40 4.80 7.96
N LEU F 24 31.09 4.77 7.72
CA LEU F 24 30.19 4.12 8.66
C LEU F 24 30.11 2.65 8.26
N SER F 25 30.65 1.79 9.10
CA SER F 25 30.47 0.36 8.90
C SER F 25 29.60 -0.18 10.02
N PRO F 26 28.52 -0.90 9.73
CA PRO F 26 27.71 -1.48 10.82
C PRO F 26 28.45 -2.62 11.52
N VAL F 27 27.85 -3.06 12.62
CA VAL F 27 28.26 -4.28 13.30
C VAL F 27 26.98 -4.85 13.87
N ALA F 28 26.67 -6.11 13.58
CA ALA F 28 25.59 -6.74 14.31
C ALA F 28 26.10 -7.17 15.68
N LEU F 29 25.19 -7.28 16.63
CA LEU F 29 25.54 -7.71 17.97
C LEU F 29 24.84 -9.04 18.26
N ARG F 30 25.63 -10.11 18.39
CA ARG F 30 25.10 -11.40 18.80
C ARG F 30 24.66 -11.32 20.26
N GLN F 31 23.79 -12.24 20.67
CA GLN F 31 23.35 -12.31 22.05
C GLN F 31 23.60 -13.69 22.62
N MET F 32 23.64 -13.77 23.95
CA MET F 32 23.80 -15.07 24.58
C MET F 32 23.29 -14.97 26.01
N SER F 33 22.85 -16.11 26.54
CA SER F 33 22.43 -16.17 27.93
C SER F 33 23.60 -15.95 28.85
N CYS F 34 23.31 -15.38 30.01
CA CYS F 34 24.26 -15.32 31.11
C CYS F 34 23.45 -15.33 32.40
N ALA F 35 24.17 -15.41 33.51
CA ALA F 35 23.57 -15.32 34.83
C ALA F 35 23.75 -13.90 35.34
N ALA F 36 22.69 -13.32 35.88
CA ALA F 36 22.80 -12.12 36.68
C ALA F 36 22.26 -12.40 38.08
N GLY F 37 22.53 -11.47 38.97
CA GLY F 37 22.12 -11.63 40.35
C GLY F 37 22.24 -10.28 41.02
N THR F 38 22.02 -10.28 42.31
CA THR F 38 22.04 -9.04 43.06
C THR F 38 23.38 -8.84 43.75
N THR F 39 23.96 -9.92 44.26
CA THR F 39 25.36 -9.95 44.67
C THR F 39 26.12 -10.86 43.70
N GLN F 40 27.41 -11.06 43.99
CA GLN F 40 28.22 -11.87 43.08
C GLN F 40 27.88 -13.36 43.21
N THR F 41 27.30 -13.77 44.34
CA THR F 41 26.94 -15.15 44.57
C THR F 41 25.59 -15.54 43.97
N ALA F 42 24.69 -14.57 43.75
CA ALA F 42 23.35 -14.80 43.20
C ALA F 42 23.37 -15.08 41.70
N CYS F 43 24.53 -14.95 41.06
CA CYS F 43 24.67 -15.17 39.62
C CYS F 43 24.86 -16.67 39.43
N THR F 44 23.77 -17.41 39.56
CA THR F 44 23.85 -18.87 39.53
C THR F 44 22.90 -19.54 38.54
N ASP F 45 22.01 -18.80 37.90
CA ASP F 45 21.06 -19.36 36.96
C ASP F 45 20.87 -18.35 35.85
N ASP F 46 20.54 -18.85 34.65
CA ASP F 46 20.59 -18.04 33.43
C ASP F 46 19.36 -17.14 33.29
N ASN F 47 19.29 -16.15 34.18
CA ASN F 47 18.17 -15.22 34.15
C ASN F 47 18.46 -13.94 33.35
N ALA F 48 19.14 -13.99 32.21
CA ALA F 48 19.32 -12.75 31.44
C ALA F 48 19.95 -13.03 30.08
N LEU F 49 19.82 -12.03 29.21
CA LEU F 49 20.23 -12.05 27.80
C LEU F 49 21.18 -10.89 27.56
N ALA F 50 22.44 -11.20 27.24
CA ALA F 50 23.51 -10.21 27.14
C ALA F 50 23.84 -9.93 25.68
N TYR F 51 24.12 -8.66 25.35
CA TYR F 51 24.54 -8.27 24.02
C TYR F 51 26.06 -8.10 24.00
N TYR F 52 26.74 -8.78 23.07
CA TYR F 52 28.20 -8.76 22.96
C TYR F 52 28.61 -8.49 21.51
N ASN F 53 29.92 -8.29 21.30
CA ASN F 53 30.50 -8.05 19.98
C ASN F 53 31.68 -8.99 19.73
N THR F 54 31.75 -9.55 18.52
CA THR F 54 32.82 -10.48 18.14
C THR F 54 34.08 -9.68 17.82
N THR F 55 34.98 -9.60 18.78
CA THR F 55 36.25 -8.92 18.57
C THR F 55 37.38 -9.94 18.63
N LYS F 56 38.61 -9.44 18.55
CA LYS F 56 39.77 -10.31 18.56
C LYS F 56 40.26 -10.60 19.98
N GLY F 57 40.13 -9.63 20.89
CA GLY F 57 40.39 -9.89 22.29
C GLY F 57 39.43 -10.88 22.93
N GLY F 58 38.36 -11.29 22.25
CA GLY F 58 37.40 -12.24 22.78
C GLY F 58 35.97 -11.83 22.52
N ARG F 59 35.20 -11.73 23.61
CA ARG F 59 33.81 -11.22 23.53
C ARG F 59 33.78 -9.97 24.38
N PHE F 60 32.97 -9.00 24.02
CA PHE F 60 32.87 -7.70 24.66
C PHE F 60 31.39 -7.42 24.89
N VAL F 61 30.98 -7.31 26.14
CA VAL F 61 29.57 -7.17 26.50
C VAL F 61 29.22 -5.70 26.70
N LEU F 62 28.07 -5.31 26.18
CA LEU F 62 27.55 -3.93 26.21
C LEU F 62 26.40 -3.76 27.20
N ALA F 63 25.35 -4.57 27.11
CA ALA F 63 24.24 -4.43 28.03
C ALA F 63 23.58 -5.77 28.26
N LEU F 64 22.60 -5.76 29.18
CA LEU F 64 21.88 -6.94 29.64
C LEU F 64 20.38 -6.68 29.62
N LEU F 65 19.63 -7.78 29.54
CA LEU F 65 18.22 -7.75 29.20
C LEU F 65 17.56 -8.85 30.03
N SER F 66 16.70 -8.48 30.98
CA SER F 66 16.18 -9.45 31.93
C SER F 66 14.84 -8.97 32.48
N ASP F 67 14.12 -9.90 33.12
CA ASP F 67 12.85 -9.56 33.75
C ASP F 67 13.04 -8.98 35.15
N LEU F 68 14.08 -9.39 35.88
CA LEU F 68 14.29 -8.90 37.24
C LEU F 68 14.74 -7.44 37.22
N GLN F 69 14.51 -6.75 38.33
CA GLN F 69 14.78 -5.33 38.38
C GLN F 69 15.68 -4.88 39.53
N ASP F 70 16.22 -5.81 40.32
CA ASP F 70 17.18 -5.46 41.36
C ASP F 70 18.57 -5.99 41.05
N LEU F 71 18.83 -6.37 39.79
CA LEU F 71 20.12 -6.93 39.44
C LEU F 71 21.22 -5.90 39.54
N LYS F 72 22.38 -6.35 40.03
CA LYS F 72 23.58 -5.55 40.05
C LYS F 72 24.83 -6.24 39.48
N TRP F 73 24.81 -7.55 39.16
CA TRP F 73 26.01 -8.22 38.67
C TRP F 73 25.67 -9.15 37.50
N ALA F 74 26.71 -9.50 36.74
CA ALA F 74 26.59 -10.49 35.68
C ALA F 74 27.88 -11.30 35.59
N ARG F 75 27.78 -12.54 35.08
CA ARG F 75 28.83 -13.55 35.13
C ARG F 75 29.12 -14.08 33.73
N PHE F 76 30.40 -14.12 33.34
CA PHE F 76 30.78 -14.67 32.02
C PHE F 76 32.05 -15.50 32.16
N PRO F 77 32.12 -16.67 31.55
CA PRO F 77 33.42 -17.29 31.29
C PRO F 77 34.29 -16.37 30.46
N LYS F 78 35.56 -16.74 30.29
CA LYS F 78 36.52 -15.89 29.59
C LYS F 78 36.51 -16.21 28.11
N SER F 79 37.44 -15.60 27.37
CA SER F 79 37.57 -15.87 25.93
C SER F 79 37.61 -17.36 25.65
N ASP F 80 38.33 -18.11 26.49
CA ASP F 80 38.52 -19.54 26.29
C ASP F 80 38.30 -20.42 27.51
N GLY F 81 37.32 -20.06 28.34
CA GLY F 81 36.96 -20.83 29.53
C GLY F 81 38.19 -21.09 30.40
N THR F 82 39.13 -20.14 30.44
CA THR F 82 40.28 -20.29 31.34
C THR F 82 39.79 -19.97 32.76
N GLY F 83 39.11 -18.83 32.92
CA GLY F 83 38.46 -18.45 34.17
C GLY F 83 37.01 -17.94 34.08
N THR F 84 36.74 -16.76 34.67
CA THR F 84 35.37 -16.26 34.83
C THR F 84 35.41 -14.78 35.22
N ILE F 85 34.61 -13.94 34.54
CA ILE F 85 34.60 -12.49 34.76
C ILE F 85 33.23 -12.04 35.29
N TYR F 86 33.25 -11.10 36.25
CA TYR F 86 32.06 -10.51 36.85
C TYR F 86 32.09 -9.00 36.63
N THR F 87 31.02 -8.46 36.04
CA THR F 87 30.92 -7.03 35.66
C THR F 87 29.73 -6.39 36.37
N GLU F 88 29.95 -5.20 36.94
CA GLU F 88 28.89 -4.39 37.55
C GLU F 88 27.87 -3.98 36.50
N LEU F 89 26.62 -3.72 36.93
CA LEU F 89 25.55 -3.34 36.01
C LEU F 89 25.01 -1.96 36.37
N GLU F 90 24.61 -1.22 35.37
CA GLU F 90 24.07 0.10 35.66
C GLU F 90 22.67 -0.06 36.23
N PRO F 91 22.12 0.99 36.80
CA PRO F 91 20.69 0.99 37.10
C PRO F 91 19.89 0.64 35.87
N PRO F 92 18.84 -0.17 36.00
CA PRO F 92 18.12 -0.68 34.81
C PRO F 92 17.22 0.36 34.17
N CYS F 93 17.03 0.22 32.87
CA CYS F 93 16.00 0.95 32.14
C CYS F 93 14.79 0.07 31.89
N ARG F 94 13.62 0.59 32.22
CA ARG F 94 12.39 -0.17 32.13
C ARG F 94 11.77 0.07 30.76
N PHE F 95 11.23 -0.98 30.16
CA PHE F 95 10.52 -0.82 28.90
C PHE F 95 9.54 -1.97 28.80
N VAL F 96 8.94 -2.12 27.61
CA VAL F 96 7.91 -3.12 27.35
C VAL F 96 8.11 -3.60 25.92
N THR F 97 8.54 -4.85 25.72
CA THR F 97 8.56 -5.43 24.37
C THR F 97 7.37 -6.35 24.16
N ASP F 98 7.26 -6.81 22.91
CA ASP F 98 6.18 -7.70 22.47
C ASP F 98 6.84 -9.06 22.28
N THR F 99 6.83 -9.87 23.32
CA THR F 99 7.27 -11.25 23.14
C THR F 99 6.19 -12.05 22.42
N PRO F 100 6.57 -13.14 21.79
CA PRO F 100 5.58 -13.99 21.13
C PRO F 100 4.82 -14.90 22.10
N LYS F 101 4.74 -14.50 23.37
CA LYS F 101 3.89 -15.17 24.35
C LYS F 101 3.15 -14.18 25.24
N GLY F 102 2.92 -12.96 24.78
CA GLY F 102 2.25 -11.95 25.58
C GLY F 102 3.17 -10.81 25.95
N PRO F 103 2.78 -9.58 25.62
CA PRO F 103 3.62 -8.40 25.91
C PRO F 103 4.09 -8.35 27.36
N LYS F 104 5.41 -8.13 27.53
CA LYS F 104 6.16 -8.43 28.75
C LYS F 104 7.06 -7.26 29.15
N VAL F 105 7.26 -7.09 30.47
CA VAL F 105 8.12 -6.05 31.04
C VAL F 105 9.54 -6.56 31.22
N LYS F 106 10.49 -6.01 30.43
CA LYS F 106 11.90 -6.33 30.53
C LYS F 106 12.70 -5.10 30.99
N TYR F 107 13.89 -5.34 31.55
CA TYR F 107 14.79 -4.29 32.02
C TYR F 107 16.07 -4.27 31.19
N LEU F 108 16.69 -3.09 31.05
CA LEU F 108 17.93 -2.94 30.28
C LEU F 108 19.07 -2.51 31.20
N TYR F 109 20.12 -3.31 31.28
CA TYR F 109 21.27 -3.00 32.11
C TYR F 109 22.49 -2.77 31.24
N PHE F 110 22.98 -1.54 31.20
CA PHE F 110 24.27 -1.29 30.59
C PHE F 110 25.37 -1.75 31.53
N ILE F 111 26.42 -2.33 30.94
CA ILE F 111 27.62 -2.64 31.71
C ILE F 111 28.28 -1.33 32.16
N LYS F 112 28.68 -1.29 33.43
CA LYS F 112 29.27 -0.05 33.96
C LYS F 112 30.56 0.22 33.22
N GLY F 113 30.77 1.47 32.82
CA GLY F 113 31.89 1.79 31.97
C GLY F 113 31.64 1.81 30.48
N LEU F 114 30.46 1.38 30.01
CA LEU F 114 30.16 1.51 28.58
C LEU F 114 29.91 2.98 28.27
N ASN F 115 30.57 3.51 27.24
CA ASN F 115 30.48 4.95 26.99
C ASN F 115 29.11 5.31 26.40
N ASN F 116 28.81 6.62 26.40
CA ASN F 116 27.51 7.08 25.93
C ASN F 116 27.26 6.75 24.45
N LEU F 117 28.30 6.83 23.61
CA LEU F 117 28.11 6.53 22.18
C LEU F 117 27.53 5.13 21.98
N ASN F 118 28.22 4.10 22.47
CA ASN F 118 27.66 2.75 22.42
C ASN F 118 26.34 2.63 23.16
N ARG F 119 26.19 3.32 24.28
CA ARG F 119 24.89 3.27 25.00
C ARG F 119 23.81 3.76 24.05
N GLY F 120 24.06 4.85 23.35
CA GLY F 120 23.09 5.41 22.43
C GLY F 120 22.88 4.52 21.23
N MET F 121 23.95 3.96 20.68
CA MET F 121 23.79 3.07 19.55
C MET F 121 22.87 1.93 19.95
N VAL F 122 23.15 1.30 21.10
CA VAL F 122 22.34 0.16 21.54
C VAL F 122 20.86 0.57 21.67
N LEU F 123 20.59 1.79 22.12
CA LEU F 123 19.19 2.19 22.28
C LEU F 123 18.50 2.49 20.94
N GLY F 124 19.05 3.42 20.15
CA GLY F 124 18.47 3.67 18.83
C GLY F 124 18.46 2.42 17.95
N SER F 125 19.44 1.54 18.14
CA SER F 125 19.40 0.25 17.46
C SER F 125 18.23 -0.59 17.96
N LEU F 126 17.94 -0.53 19.26
CA LEU F 126 16.83 -1.28 19.85
C LEU F 126 15.48 -0.64 19.57
N ALA F 127 15.38 0.69 19.68
CA ALA F 127 14.11 1.37 19.39
C ALA F 127 13.68 1.14 17.94
N ALA F 128 14.65 1.02 17.02
CA ALA F 128 14.33 0.80 15.61
C ALA F 128 13.87 -0.63 15.34
N THR F 129 14.54 -1.63 15.95
CA THR F 129 14.28 -3.05 15.63
C THR F 129 13.16 -3.65 16.50
N VAL F 130 13.40 -3.83 17.79
CA VAL F 130 12.35 -4.39 18.67
C VAL F 130 11.35 -3.31 19.04
N ARG F 131 10.34 -3.67 19.79
CA ARG F 131 9.19 -2.79 20.02
C ARG F 131 9.16 -2.42 21.50
N LEU F 132 9.91 -1.38 21.86
CA LEU F 132 9.79 -0.74 23.16
C LEU F 132 8.47 0.03 23.17
N GLN F 133 7.67 -0.12 24.24
CA GLN F 133 6.29 0.42 24.20
C GLN F 133 6.04 1.68 25.05
N ALA G 10 17.97 6.05 -23.79
CA ALA G 10 16.57 6.06 -24.21
C ALA G 10 15.90 4.71 -23.88
N ALA G 11 16.37 3.66 -24.55
CA ALA G 11 15.92 2.29 -24.33
C ALA G 11 17.11 1.37 -24.61
N LEU G 12 17.49 0.54 -23.62
CA LEU G 12 18.85 -0.02 -23.47
C LEU G 12 19.01 -1.44 -24.04
N GLU G 13 20.04 -1.65 -24.91
CA GLU G 13 20.47 -2.95 -25.44
C GLU G 13 21.47 -3.65 -24.50
N VAL G 14 22.04 -4.80 -24.90
CA VAL G 14 22.86 -5.62 -23.99
C VAL G 14 24.03 -6.27 -24.74
N LEU G 15 25.18 -6.41 -24.06
CA LEU G 15 26.41 -6.98 -24.59
C LEU G 15 26.92 -8.06 -23.64
N PHE G 16 27.88 -8.87 -24.11
CA PHE G 16 28.41 -10.04 -23.37
C PHE G 16 29.88 -9.98 -22.98
N GLN G 17 30.36 -8.81 -22.57
CA GLN G 17 31.76 -8.63 -22.21
C GLN G 17 32.23 -9.69 -21.19
N ASN G 21 33.36 -12.38 -22.51
CA ASN G 21 32.69 -13.65 -22.30
C ASN G 21 31.99 -13.77 -20.95
N ASN G 22 30.66 -13.98 -21.03
CA ASN G 22 29.79 -14.30 -19.89
C ASN G 22 29.60 -13.09 -18.96
N GLU G 23 29.40 -11.91 -19.53
CA GLU G 23 29.23 -10.72 -18.68
C GLU G 23 28.17 -9.83 -19.31
N LEU G 24 27.07 -9.62 -18.62
CA LEU G 24 26.01 -8.79 -19.17
C LEU G 24 26.33 -7.33 -18.92
N SER G 25 26.51 -6.57 -20.00
CA SER G 25 26.70 -5.13 -19.90
C SER G 25 25.60 -4.40 -20.66
N PRO G 26 24.67 -3.73 -19.99
CA PRO G 26 23.64 -2.97 -20.70
C PRO G 26 24.22 -1.73 -21.37
N VAL G 27 23.56 -1.28 -22.43
CA VAL G 27 23.97 -0.10 -23.19
C VAL G 27 22.74 0.63 -23.73
N ALA G 28 22.56 1.89 -23.32
CA ALA G 28 21.46 2.67 -23.86
C ALA G 28 21.73 3.03 -25.32
N LEU G 29 20.66 3.07 -26.10
CA LEU G 29 20.73 3.51 -27.47
C LEU G 29 20.37 4.99 -27.49
N ARG G 30 21.23 5.79 -28.09
CA ARG G 30 20.92 7.20 -28.24
C ARG G 30 19.94 7.40 -29.39
N GLN G 31 19.55 8.64 -29.63
CA GLN G 31 18.59 8.88 -30.70
C GLN G 31 18.76 10.29 -31.24
N MET G 32 18.24 10.47 -32.44
CA MET G 32 18.47 11.67 -33.23
C MET G 32 17.42 11.71 -34.33
N SER G 33 17.09 12.93 -34.76
CA SER G 33 16.35 13.06 -36.00
C SER G 33 17.16 12.52 -37.17
N CYS G 34 16.45 12.14 -38.23
CA CYS G 34 17.05 11.81 -39.52
C CYS G 34 15.91 11.86 -40.52
N ALA G 35 16.27 11.78 -41.79
CA ALA G 35 15.33 11.90 -42.88
C ALA G 35 15.00 10.53 -43.46
N ALA G 36 13.76 10.35 -43.87
CA ALA G 36 13.32 9.15 -44.58
C ALA G 36 12.27 9.56 -45.59
N GLY G 37 11.91 8.62 -46.46
CA GLY G 37 11.04 8.89 -47.59
C GLY G 37 10.73 7.58 -48.25
N THR G 38 9.90 7.64 -49.29
CA THR G 38 9.56 6.39 -49.98
C THR G 38 10.59 6.03 -51.04
N THR G 39 11.18 7.05 -51.64
CA THR G 39 12.36 6.94 -52.47
C THR G 39 13.55 7.47 -51.69
N GLN G 40 14.65 7.74 -52.39
CA GLN G 40 15.81 8.27 -51.71
C GLN G 40 15.94 9.77 -51.86
N THR G 41 15.40 10.38 -52.93
CA THR G 41 15.41 11.85 -52.99
C THR G 41 14.35 12.44 -52.08
N ALA G 42 13.29 11.66 -51.81
CA ALA G 42 12.25 12.01 -50.85
C ALA G 42 12.77 12.25 -49.45
N CYS G 43 13.95 11.70 -49.11
CA CYS G 43 14.61 11.94 -47.83
C CYS G 43 15.17 13.34 -47.71
N THR G 44 14.32 14.34 -47.55
CA THR G 44 14.85 15.64 -47.22
C THR G 44 14.41 16.02 -45.82
N ASP G 45 13.12 15.98 -45.55
CA ASP G 45 12.65 16.43 -44.26
C ASP G 45 12.98 15.39 -43.19
N ASP G 46 13.19 15.87 -41.96
CA ASP G 46 13.54 15.01 -40.82
C ASP G 46 12.27 14.45 -40.18
N ASN G 47 11.88 13.23 -40.56
CA ASN G 47 10.57 12.73 -40.16
C ASN G 47 10.65 11.34 -39.55
N ALA G 48 11.68 11.08 -38.74
CA ALA G 48 11.82 9.80 -38.03
C ALA G 48 12.91 9.95 -37.00
N LEU G 49 12.88 9.06 -36.02
CA LEU G 49 13.82 9.02 -34.92
C LEU G 49 14.61 7.73 -35.06
N ALA G 50 15.95 7.83 -35.12
CA ALA G 50 16.82 6.69 -35.38
C ALA G 50 17.45 6.20 -34.08
N TYR G 51 17.12 4.98 -33.68
CA TYR G 51 17.78 4.32 -32.55
C TYR G 51 19.14 3.80 -33.00
N TYR G 52 20.23 4.24 -32.34
CA TYR G 52 21.61 3.95 -32.77
C TYR G 52 22.50 3.56 -31.58
N ASN G 53 23.55 2.81 -31.91
CA ASN G 53 24.57 2.41 -30.95
C ASN G 53 25.85 3.16 -31.30
N THR G 54 26.41 3.89 -30.35
CA THR G 54 27.74 4.48 -30.52
C THR G 54 28.78 3.36 -30.42
N THR G 55 29.23 2.84 -31.57
CA THR G 55 30.40 1.96 -31.57
C THR G 55 31.66 2.81 -31.40
N LYS G 56 32.83 2.20 -31.52
CA LYS G 56 34.02 3.00 -31.74
C LYS G 56 33.95 3.62 -33.14
N GLY G 57 34.46 4.84 -33.25
CA GLY G 57 34.56 5.49 -34.54
C GLY G 57 33.30 6.20 -34.99
N GLY G 58 32.12 5.71 -34.61
CA GLY G 58 30.90 6.36 -35.03
C GLY G 58 29.65 5.55 -34.72
N ARG G 59 28.54 6.07 -35.22
CA ARG G 59 27.20 5.63 -34.87
C ARG G 59 26.71 4.50 -35.77
N PHE G 60 25.93 3.58 -35.18
CA PHE G 60 25.37 2.38 -35.82
C PHE G 60 23.86 2.31 -35.55
N VAL G 61 23.03 2.42 -36.62
CA VAL G 61 21.57 2.50 -36.50
C VAL G 61 20.95 1.12 -36.50
N LEU G 62 20.05 0.86 -35.55
CA LEU G 62 19.33 -0.41 -35.51
C LEU G 62 17.87 -0.34 -35.93
N ALA G 63 17.19 0.78 -35.71
CA ALA G 63 15.81 0.92 -36.17
C ALA G 63 15.44 2.38 -36.24
N LEU G 64 14.41 2.66 -37.01
CA LEU G 64 13.78 3.97 -37.02
C LEU G 64 12.43 3.89 -36.30
N LEU G 65 12.00 5.03 -35.75
CA LEU G 65 10.65 5.21 -35.26
C LEU G 65 10.06 6.38 -36.04
N SER G 66 8.79 6.26 -36.45
CA SER G 66 8.18 7.31 -37.26
C SER G 66 6.67 7.29 -37.11
N ASP G 67 6.05 8.41 -37.45
CA ASP G 67 4.59 8.41 -37.54
C ASP G 67 4.10 7.83 -38.87
N LEU G 68 4.90 7.94 -39.93
CA LEU G 68 4.43 7.58 -41.26
C LEU G 68 4.58 6.08 -41.51
N GLN G 69 3.81 5.56 -42.48
CA GLN G 69 4.10 4.27 -43.11
C GLN G 69 4.88 4.53 -44.40
N ASP G 70 5.04 3.49 -45.21
CA ASP G 70 5.63 3.60 -46.55
C ASP G 70 7.02 4.18 -46.57
N LEU G 71 7.71 4.23 -45.43
CA LEU G 71 9.13 4.52 -45.43
C LEU G 71 9.89 3.28 -45.91
N LYS G 72 10.78 3.49 -46.91
CA LYS G 72 11.70 2.44 -47.35
C LYS G 72 13.17 2.79 -47.14
N TRP G 73 13.53 4.08 -47.09
CA TRP G 73 14.90 4.56 -47.08
C TRP G 73 15.08 5.59 -45.98
N ALA G 74 16.21 5.49 -45.27
CA ALA G 74 16.66 6.49 -44.32
C ALA G 74 17.95 7.11 -44.84
N ARG G 75 18.31 8.28 -44.31
CA ARG G 75 19.48 9.00 -44.80
C ARG G 75 20.32 9.45 -43.62
N PHE G 76 21.61 9.26 -43.73
CA PHE G 76 22.57 9.63 -42.69
C PHE G 76 23.83 10.21 -43.30
N PRO G 77 24.04 11.52 -43.21
CA PRO G 77 25.36 12.07 -43.51
C PRO G 77 26.48 11.34 -42.75
N LYS G 78 27.65 11.26 -43.38
CA LYS G 78 28.76 10.53 -42.77
C LYS G 78 29.43 11.33 -41.65
N SER G 79 30.34 10.65 -40.95
CA SER G 79 31.08 11.31 -39.88
C SER G 79 32.06 12.35 -40.43
N ASP G 80 32.83 12.02 -41.46
CA ASP G 80 33.62 13.05 -42.16
C ASP G 80 32.65 14.02 -42.84
N GLY G 81 33.18 15.11 -43.38
CA GLY G 81 32.29 16.11 -43.92
C GLY G 81 31.76 15.83 -45.32
N THR G 82 31.82 14.56 -45.75
CA THR G 82 31.97 14.22 -47.16
C THR G 82 31.04 13.13 -47.70
N GLY G 83 30.40 12.32 -46.86
CA GLY G 83 29.58 11.23 -47.32
C GLY G 83 28.09 11.44 -47.07
N THR G 84 27.32 10.46 -47.55
CA THR G 84 25.89 10.33 -47.31
C THR G 84 25.57 8.84 -47.39
N ILE G 85 24.85 8.31 -46.42
CA ILE G 85 24.61 6.87 -46.36
C ILE G 85 23.11 6.62 -46.29
N TYR G 86 22.57 5.88 -47.27
CA TYR G 86 21.15 5.58 -47.34
C TYR G 86 20.95 4.13 -46.91
N THR G 87 20.22 3.92 -45.81
CA THR G 87 19.93 2.60 -45.27
C THR G 87 18.55 2.14 -45.72
N GLU G 88 18.41 0.86 -45.96
CA GLU G 88 17.16 0.28 -46.41
C GLU G 88 16.36 -0.22 -45.22
N LEU G 89 15.04 -0.03 -45.28
CA LEU G 89 14.17 -0.27 -44.14
C LEU G 89 13.31 -1.50 -44.40
N GLU G 90 13.09 -2.27 -43.35
CA GLU G 90 12.20 -3.40 -43.37
C GLU G 90 10.76 -2.90 -43.30
N PRO G 91 9.77 -3.72 -43.62
CA PRO G 91 8.36 -3.27 -43.54
C PRO G 91 7.95 -2.97 -42.11
N PRO G 92 7.18 -1.91 -41.87
CA PRO G 92 7.03 -1.40 -40.49
C PRO G 92 6.24 -2.29 -39.53
N CYS G 93 6.59 -2.14 -38.24
CA CYS G 93 5.87 -2.73 -37.12
C CYS G 93 4.92 -1.68 -36.54
N ARG G 94 3.61 -1.94 -36.58
CA ARG G 94 2.65 -0.94 -36.14
C ARG G 94 2.33 -1.13 -34.66
N PHE G 95 2.34 -0.03 -33.92
CA PHE G 95 2.07 -0.06 -32.50
C PHE G 95 1.48 1.28 -32.07
N VAL G 96 1.02 1.32 -30.82
CA VAL G 96 0.37 2.49 -30.23
C VAL G 96 0.99 2.71 -28.84
N THR G 97 1.60 3.89 -28.61
CA THR G 97 2.05 4.31 -27.28
C THR G 97 1.24 5.51 -26.82
N ASP G 98 1.41 5.87 -25.54
CA ASP G 98 0.66 7.02 -24.96
C ASP G 98 1.62 8.19 -24.76
N THR G 99 1.28 9.36 -25.30
CA THR G 99 2.22 10.51 -25.24
C THR G 99 1.57 11.72 -24.54
N PRO G 100 2.28 12.80 -24.10
CA PRO G 100 1.58 13.95 -23.51
C PRO G 100 0.64 14.69 -24.47
N LYS G 101 0.53 14.24 -25.74
CA LYS G 101 -0.42 14.89 -26.62
C LYS G 101 -1.68 14.05 -26.85
N GLY G 102 -1.72 12.84 -26.29
CA GLY G 102 -2.77 11.88 -26.53
C GLY G 102 -2.23 10.50 -26.88
N PRO G 103 -3.10 9.62 -27.37
CA PRO G 103 -2.63 8.33 -27.92
C PRO G 103 -2.16 8.49 -29.36
N LYS G 104 -1.07 7.81 -29.70
CA LYS G 104 -0.43 8.02 -30.99
C LYS G 104 -0.17 6.69 -31.68
N VAL G 105 -0.56 6.58 -32.94
CA VAL G 105 -0.15 5.44 -33.76
C VAL G 105 1.26 5.69 -34.30
N LYS G 106 2.14 4.70 -34.14
CA LYS G 106 3.55 4.80 -34.57
C LYS G 106 3.98 3.52 -35.29
N TYR G 107 5.17 3.60 -35.92
CA TYR G 107 5.70 2.50 -36.73
C TYR G 107 7.19 2.30 -36.40
N LEU G 108 7.65 1.05 -36.41
CA LEU G 108 9.02 0.67 -36.04
C LEU G 108 9.69 -0.05 -37.22
N TYR G 109 10.72 0.57 -37.80
CA TYR G 109 11.39 0.06 -38.99
C TYR G 109 12.74 -0.51 -38.58
N PHE G 110 12.97 -1.79 -38.85
CA PHE G 110 14.26 -2.39 -38.56
C PHE G 110 15.14 -2.21 -39.78
N ILE G 111 16.42 -1.85 -39.56
CA ILE G 111 17.45 -1.86 -40.60
C ILE G 111 17.48 -3.23 -41.25
N LYS G 112 17.57 -3.27 -42.57
CA LYS G 112 17.59 -4.58 -43.22
C LYS G 112 18.87 -5.32 -42.82
N GLY G 113 18.76 -6.63 -42.64
CA GLY G 113 19.91 -7.42 -42.24
C GLY G 113 20.30 -7.33 -40.78
N LEU G 114 19.69 -6.45 -40.00
CA LEU G 114 19.85 -6.48 -38.53
C LEU G 114 19.47 -7.86 -37.98
N ASN G 115 20.32 -8.46 -37.14
CA ASN G 115 20.03 -9.84 -36.72
C ASN G 115 18.97 -9.89 -35.61
N ASN G 116 18.30 -11.06 -35.52
CA ASN G 116 17.15 -11.24 -34.64
C ASN G 116 17.45 -10.89 -33.19
N LEU G 117 18.69 -11.09 -32.75
CA LEU G 117 19.05 -10.80 -31.37
C LEU G 117 18.86 -9.31 -31.08
N ASN G 118 19.46 -8.44 -31.90
CA ASN G 118 19.21 -7.02 -31.80
C ASN G 118 17.74 -6.69 -32.01
N ARG G 119 17.09 -7.30 -33.03
CA ARG G 119 15.65 -7.10 -33.18
C ARG G 119 14.93 -7.32 -31.86
N GLY G 120 15.22 -8.46 -31.20
CA GLY G 120 14.54 -8.77 -29.95
C GLY G 120 14.93 -7.81 -28.85
N MET G 121 16.21 -7.46 -28.79
CA MET G 121 16.64 -6.50 -27.77
C MET G 121 15.92 -5.17 -27.96
N VAL G 122 15.83 -4.67 -29.19
CA VAL G 122 15.09 -3.42 -29.40
C VAL G 122 13.65 -3.59 -28.91
N LEU G 123 12.96 -4.64 -29.40
CA LEU G 123 11.61 -4.95 -28.93
C LEU G 123 11.51 -5.08 -27.41
N GLY G 124 12.41 -5.82 -26.75
CA GLY G 124 12.25 -6.05 -25.33
C GLY G 124 12.46 -4.81 -24.48
N SER G 125 13.58 -4.11 -24.72
CA SER G 125 13.84 -2.82 -24.10
C SER G 125 12.75 -1.80 -24.39
N LEU G 126 11.99 -1.98 -25.45
CA LEU G 126 10.95 -1.06 -25.86
C LEU G 126 9.61 -1.37 -25.22
N ALA G 127 9.38 -2.66 -24.94
CA ALA G 127 8.12 -3.12 -24.36
C ALA G 127 8.02 -2.72 -22.90
N ALA G 128 9.18 -2.56 -22.25
CA ALA G 128 9.25 -2.16 -20.85
C ALA G 128 9.32 -0.65 -20.68
N THR G 129 10.08 0.06 -21.55
CA THR G 129 10.28 1.49 -21.34
C THR G 129 9.03 2.30 -21.67
N VAL G 130 8.26 1.88 -22.70
CA VAL G 130 7.01 2.55 -23.08
C VAL G 130 5.91 1.49 -23.27
N ARG G 131 4.71 1.98 -23.53
CA ARG G 131 3.51 1.16 -23.46
C ARG G 131 2.93 1.07 -24.86
N LEU G 132 3.38 0.04 -25.57
CA LEU G 132 2.78 -0.33 -26.83
C LEU G 132 1.46 -1.03 -26.54
N GLN G 133 0.61 -1.11 -27.56
CA GLN G 133 -0.69 -1.71 -27.29
C GLN G 133 -1.11 -2.64 -28.44
N ALA H 10 10.79 -7.57 -13.40
CA ALA H 10 9.88 -8.19 -14.37
C ALA H 10 10.62 -8.55 -15.66
N ALA H 11 9.88 -9.16 -16.59
CA ALA H 11 10.40 -9.58 -17.89
C ALA H 11 9.22 -9.73 -18.84
N LEU H 12 9.49 -9.60 -20.15
CA LEU H 12 8.43 -9.38 -21.14
C LEU H 12 8.81 -10.06 -22.45
N GLU H 13 7.86 -10.09 -23.39
CA GLU H 13 8.17 -10.52 -24.75
C GLU H 13 7.15 -9.84 -25.67
N VAL H 14 7.27 -10.06 -26.98
CA VAL H 14 6.49 -9.29 -27.96
C VAL H 14 6.19 -10.20 -29.15
N LEU H 15 5.01 -10.00 -29.76
CA LEU H 15 4.60 -10.83 -30.89
C LEU H 15 3.91 -9.98 -31.96
N PHE H 16 3.70 -10.59 -33.13
CA PHE H 16 3.20 -9.85 -34.29
C PHE H 16 1.79 -10.33 -34.63
N GLN H 17 0.79 -9.69 -34.01
CA GLN H 17 -0.60 -10.14 -33.92
C GLN H 17 -1.51 -9.07 -34.55
N GLY H 18 -1.53 -8.99 -35.86
CA GLY H 18 -2.49 -8.12 -36.49
C GLY H 18 -3.28 -8.83 -37.57
N PRO H 19 -4.17 -8.08 -38.24
CA PRO H 19 -4.73 -8.55 -39.52
C PRO H 19 -3.69 -9.02 -40.51
N GLY H 20 -2.54 -8.35 -40.57
CA GLY H 20 -1.45 -8.83 -41.38
C GLY H 20 -0.10 -8.86 -40.70
N ASN H 21 -0.01 -9.50 -39.54
CA ASN H 21 1.13 -9.36 -38.63
C ASN H 21 1.24 -7.85 -38.41
N ASN H 22 2.42 -7.25 -38.54
CA ASN H 22 2.56 -5.80 -38.51
C ASN H 22 2.22 -5.17 -37.17
N GLU H 23 1.86 -5.94 -36.15
CA GLU H 23 1.11 -5.37 -35.04
C GLU H 23 1.81 -5.75 -33.73
N LEU H 24 2.36 -4.78 -33.00
CA LEU H 24 3.15 -5.12 -31.82
C LEU H 24 2.26 -5.40 -30.60
N SER H 25 2.31 -6.65 -30.11
CA SER H 25 1.54 -7.11 -28.94
C SER H 25 2.45 -7.53 -27.80
N PRO H 26 2.64 -6.70 -26.76
CA PRO H 26 3.42 -7.16 -25.60
C PRO H 26 2.70 -8.26 -24.84
N VAL H 27 3.49 -9.17 -24.27
CA VAL H 27 2.99 -10.19 -23.37
C VAL H 27 3.91 -10.20 -22.16
N ALA H 28 3.33 -10.27 -20.96
CA ALA H 28 4.12 -10.44 -19.76
C ALA H 28 4.46 -11.91 -19.56
N LEU H 29 5.69 -12.19 -19.16
CA LEU H 29 6.11 -13.54 -18.80
C LEU H 29 5.83 -13.79 -17.32
N ARG H 30 5.02 -14.79 -17.00
CA ARG H 30 4.86 -15.18 -15.60
C ARG H 30 6.10 -15.92 -15.11
N GLN H 31 6.42 -15.74 -13.84
CA GLN H 31 7.52 -16.42 -13.21
C GLN H 31 7.02 -17.48 -12.23
N MET H 32 7.89 -18.45 -11.95
CA MET H 32 7.58 -19.55 -11.04
C MET H 32 8.91 -20.03 -10.47
N SER H 33 8.88 -21.07 -9.62
CA SER H 33 10.11 -21.68 -9.11
C SER H 33 10.33 -23.05 -9.73
N CYS H 34 11.56 -23.54 -9.60
CA CYS H 34 11.98 -24.77 -10.26
C CYS H 34 13.32 -25.19 -9.68
N ALA H 35 13.55 -26.51 -9.62
CA ALA H 35 14.86 -27.01 -9.26
C ALA H 35 15.80 -26.95 -10.47
N ALA H 36 17.06 -26.66 -10.22
CA ALA H 36 18.11 -26.93 -11.20
C ALA H 36 19.23 -27.73 -10.52
N GLY H 37 20.22 -28.16 -11.28
CA GLY H 37 21.28 -28.92 -10.68
C GLY H 37 22.42 -29.15 -11.65
N THR H 38 23.44 -29.86 -11.17
CA THR H 38 24.53 -30.26 -12.06
C THR H 38 24.04 -31.31 -13.06
N THR H 39 23.52 -32.42 -12.55
CA THR H 39 22.87 -33.43 -13.37
C THR H 39 21.36 -33.36 -13.17
N GLN H 40 20.64 -34.33 -13.74
CA GLN H 40 19.20 -34.41 -13.56
C GLN H 40 18.83 -34.76 -12.13
N THR H 41 19.70 -35.51 -11.45
CA THR H 41 19.44 -35.96 -10.08
C THR H 41 19.77 -34.90 -9.04
N ALA H 42 20.67 -33.96 -9.33
CA ALA H 42 20.86 -32.82 -8.45
C ALA H 42 19.64 -31.90 -8.38
N CYS H 43 18.63 -32.11 -9.24
CA CYS H 43 17.49 -31.19 -9.32
C CYS H 43 16.48 -31.55 -8.25
N THR H 44 16.71 -30.99 -7.06
CA THR H 44 16.09 -31.44 -5.81
C THR H 44 15.08 -30.40 -5.30
N ASP H 45 15.54 -29.29 -4.73
CA ASP H 45 14.65 -28.24 -4.24
C ASP H 45 14.70 -27.01 -5.12
N ASP H 46 13.59 -26.27 -5.12
CA ASP H 46 13.43 -25.00 -5.82
C ASP H 46 14.69 -24.17 -5.53
N ASN H 47 15.47 -23.85 -6.56
CA ASN H 47 16.66 -23.01 -6.43
C ASN H 47 16.79 -22.16 -7.68
N ALA H 48 15.66 -21.70 -8.24
CA ALA H 48 15.74 -20.85 -9.42
C ALA H 48 14.37 -20.27 -9.76
N LEU H 49 14.36 -19.01 -10.16
CA LEU H 49 13.20 -18.40 -10.78
C LEU H 49 13.31 -18.68 -12.26
N ALA H 50 12.18 -19.07 -12.87
CA ALA H 50 12.15 -19.56 -14.24
C ALA H 50 11.01 -18.88 -14.98
N TYR H 51 11.33 -17.92 -15.83
CA TYR H 51 10.30 -17.20 -16.58
C TYR H 51 9.66 -18.08 -17.66
N TYR H 52 8.32 -18.08 -17.73
CA TYR H 52 7.65 -18.97 -18.65
C TYR H 52 6.56 -18.22 -19.40
N ASN H 53 5.96 -18.92 -20.36
CA ASN H 53 4.93 -18.38 -21.23
C ASN H 53 3.76 -19.36 -21.30
N THR H 54 2.57 -18.91 -20.89
CA THR H 54 1.37 -19.75 -20.83
C THR H 54 0.71 -19.80 -22.20
N THR H 55 0.81 -20.94 -22.88
CA THR H 55 0.12 -21.16 -24.14
C THR H 55 -1.18 -21.92 -23.91
N LYS H 56 -1.92 -22.13 -25.00
CA LYS H 56 -3.17 -22.89 -24.92
C LYS H 56 -2.93 -24.34 -24.54
N GLY H 57 -1.72 -24.86 -24.72
CA GLY H 57 -1.42 -26.23 -24.33
C GLY H 57 -0.17 -26.70 -23.61
N GLY H 58 0.53 -25.79 -22.94
CA GLY H 58 1.68 -26.15 -22.14
C GLY H 58 2.20 -24.92 -21.43
N ARG H 59 3.29 -25.12 -20.69
CA ARG H 59 4.05 -24.03 -20.07
C ARG H 59 5.43 -23.98 -20.70
N PHE H 60 5.72 -22.88 -21.40
CA PHE H 60 6.94 -22.70 -22.18
C PHE H 60 7.97 -21.94 -21.35
N VAL H 61 9.06 -22.59 -20.98
CA VAL H 61 10.11 -21.95 -20.20
C VAL H 61 11.12 -21.29 -21.13
N LEU H 62 11.41 -20.01 -20.90
CA LEU H 62 12.40 -19.28 -21.71
C LEU H 62 13.79 -19.26 -21.09
N ALA H 63 13.93 -18.76 -19.84
CA ALA H 63 15.21 -18.73 -19.14
C ALA H 63 15.02 -18.96 -17.63
N LEU H 64 16.14 -19.23 -16.96
CA LEU H 64 16.24 -19.43 -15.51
C LEU H 64 17.09 -18.31 -14.93
N LEU H 65 16.96 -18.10 -13.61
CA LEU H 65 17.61 -17.00 -12.88
C LEU H 65 17.96 -17.48 -11.49
N SER H 66 19.23 -17.44 -11.11
CA SER H 66 19.67 -18.14 -9.91
C SER H 66 21.04 -17.65 -9.45
N ASP H 67 21.35 -17.89 -8.15
CA ASP H 67 22.60 -17.49 -7.49
C ASP H 67 23.75 -18.45 -7.77
N LEU H 68 23.59 -19.36 -8.72
CA LEU H 68 24.54 -20.43 -8.97
C LEU H 68 25.02 -20.40 -10.43
N GLN H 69 26.33 -20.49 -10.64
CA GLN H 69 26.85 -20.62 -12.01
C GLN H 69 27.13 -22.05 -12.41
N ASP H 70 26.99 -23.01 -11.49
CA ASP H 70 27.32 -24.40 -11.71
C ASP H 70 26.13 -25.23 -12.15
N LEU H 71 25.07 -24.58 -12.61
CA LEU H 71 23.89 -25.27 -13.07
C LEU H 71 24.03 -25.70 -14.53
N LYS H 72 23.43 -26.84 -14.85
CA LYS H 72 23.38 -27.27 -16.24
C LYS H 72 22.02 -27.83 -16.64
N TRP H 73 21.16 -28.16 -15.66
CA TRP H 73 19.91 -28.86 -15.90
C TRP H 73 18.76 -28.26 -15.11
N ALA H 74 17.55 -28.37 -15.62
CA ALA H 74 16.36 -27.87 -14.96
C ALA H 74 15.32 -28.97 -14.91
N ARG H 75 14.21 -28.71 -14.21
CA ARG H 75 13.26 -29.75 -13.84
C ARG H 75 11.91 -29.07 -13.60
N PHE H 76 10.87 -29.46 -14.34
CA PHE H 76 9.53 -28.83 -14.27
C PHE H 76 8.44 -29.89 -14.21
N PRO H 77 7.45 -29.75 -13.32
CA PRO H 77 6.23 -30.55 -13.47
C PRO H 77 5.58 -30.29 -14.82
N LYS H 78 4.61 -31.13 -15.15
CA LYS H 78 4.07 -31.12 -16.50
C LYS H 78 2.85 -30.21 -16.51
N SER H 79 1.97 -30.41 -17.49
CA SER H 79 0.72 -29.67 -17.56
C SER H 79 -0.04 -29.77 -16.24
N ASP H 80 -0.38 -30.99 -15.83
CA ASP H 80 -1.28 -31.21 -14.69
C ASP H 80 -0.85 -32.43 -13.87
N GLY H 81 0.31 -32.34 -13.23
CA GLY H 81 0.75 -33.40 -12.33
C GLY H 81 0.83 -34.75 -13.01
N THR H 82 1.09 -34.73 -14.32
CA THR H 82 1.10 -35.93 -15.15
C THR H 82 2.52 -36.33 -15.59
N GLY H 83 3.56 -35.60 -15.18
CA GLY H 83 4.91 -35.96 -15.57
C GLY H 83 5.92 -34.92 -15.14
N THR H 84 7.11 -35.00 -15.74
CA THR H 84 8.28 -34.24 -15.29
C THR H 84 9.19 -33.97 -16.48
N ILE H 85 9.56 -32.70 -16.72
CA ILE H 85 10.49 -32.33 -17.80
C ILE H 85 11.88 -32.13 -17.22
N TYR H 86 12.90 -32.25 -18.07
CA TYR H 86 14.29 -31.91 -17.73
C TYR H 86 14.90 -31.28 -18.96
N THR H 87 14.67 -29.98 -19.16
CA THR H 87 15.25 -29.26 -20.30
C THR H 87 16.65 -28.78 -19.93
N GLU H 88 17.62 -29.09 -20.78
CA GLU H 88 19.00 -28.69 -20.54
C GLU H 88 19.19 -27.16 -20.66
N LEU H 89 20.30 -26.66 -20.12
CA LEU H 89 20.49 -25.22 -19.95
C LEU H 89 21.74 -24.73 -20.68
N GLU H 90 21.68 -23.46 -21.13
CA GLU H 90 22.84 -22.86 -21.78
C GLU H 90 23.91 -22.59 -20.73
N PRO H 91 25.14 -22.33 -21.16
CA PRO H 91 26.12 -21.68 -20.25
C PRO H 91 25.57 -20.35 -19.74
N PRO H 92 25.79 -20.03 -18.47
CA PRO H 92 25.10 -18.89 -17.85
C PRO H 92 25.65 -17.55 -18.31
N CYS H 93 24.84 -16.51 -18.18
CA CYS H 93 25.32 -15.13 -18.23
C CYS H 93 25.35 -14.54 -16.83
N ARG H 94 26.43 -13.81 -16.52
CA ARG H 94 26.59 -13.15 -15.23
C ARG H 94 26.19 -11.67 -15.32
N PHE H 95 25.47 -11.18 -14.31
CA PHE H 95 25.14 -9.77 -14.22
C PHE H 95 25.02 -9.40 -12.75
N VAL H 96 24.74 -8.12 -12.47
CA VAL H 96 24.72 -7.62 -11.10
C VAL H 96 23.50 -6.72 -10.91
N THR H 97 22.52 -7.18 -10.13
CA THR H 97 21.37 -6.40 -9.74
C THR H 97 21.71 -5.56 -8.52
N ASP H 98 20.75 -4.78 -8.05
CA ASP H 98 21.00 -3.82 -6.99
C ASP H 98 19.88 -3.91 -5.97
N THR H 99 20.23 -4.07 -4.70
CA THR H 99 19.26 -4.33 -3.64
C THR H 99 19.56 -3.38 -2.50
N PRO H 100 18.54 -2.99 -1.71
CA PRO H 100 18.84 -2.33 -0.44
C PRO H 100 19.76 -3.14 0.47
N LYS H 101 19.77 -4.47 0.32
CA LYS H 101 20.71 -5.31 1.06
C LYS H 101 22.12 -5.19 0.49
N GLY H 102 22.24 -5.16 -0.85
CA GLY H 102 23.53 -4.96 -1.48
C GLY H 102 23.48 -5.15 -2.98
N PRO H 103 24.65 -5.18 -3.63
CA PRO H 103 24.71 -5.64 -5.03
C PRO H 103 24.71 -7.15 -5.06
N LYS H 104 23.78 -7.73 -5.82
CA LYS H 104 23.64 -9.17 -5.88
C LYS H 104 24.30 -9.65 -7.18
N VAL H 105 24.99 -10.80 -7.13
CA VAL H 105 25.55 -11.46 -8.31
C VAL H 105 24.65 -12.63 -8.68
N LYS H 106 23.74 -12.40 -9.65
CA LYS H 106 22.80 -13.37 -10.20
C LYS H 106 23.32 -13.96 -11.54
N TYR H 107 22.71 -15.08 -11.97
CA TYR H 107 23.12 -15.85 -13.17
C TYR H 107 21.90 -16.21 -14.02
N LEU H 108 21.96 -15.89 -15.32
CA LEU H 108 20.90 -16.11 -16.30
C LEU H 108 21.18 -17.34 -17.18
N TYR H 109 20.12 -18.05 -17.55
CA TYR H 109 20.26 -19.37 -18.14
C TYR H 109 19.22 -19.54 -19.24
N PHE H 110 19.61 -19.32 -20.49
CA PHE H 110 18.67 -19.62 -21.55
C PHE H 110 18.54 -21.14 -21.69
N ILE H 111 17.34 -21.59 -22.02
CA ILE H 111 17.09 -23.01 -22.18
C ILE H 111 17.73 -23.47 -23.49
N LYS H 112 18.60 -24.49 -23.42
CA LYS H 112 19.23 -25.04 -24.62
C LYS H 112 18.18 -25.29 -25.70
N GLY H 113 18.32 -24.56 -26.82
CA GLY H 113 17.38 -24.62 -27.92
C GLY H 113 16.79 -23.27 -28.29
N LEU H 114 16.66 -22.36 -27.32
CA LEU H 114 15.79 -21.20 -27.49
C LEU H 114 16.30 -20.29 -28.59
N ASN H 115 15.40 -19.86 -29.48
CA ASN H 115 15.85 -19.09 -30.62
C ASN H 115 16.35 -17.72 -30.17
N ASN H 116 17.10 -17.05 -31.05
CA ASN H 116 17.73 -15.78 -30.72
C ASN H 116 16.76 -14.62 -30.63
N LEU H 117 15.55 -14.74 -31.16
CA LEU H 117 14.65 -13.59 -31.09
C LEU H 117 14.12 -13.46 -29.67
N ASN H 118 13.73 -14.60 -29.08
CA ASN H 118 13.37 -14.64 -27.67
C ASN H 118 14.54 -14.25 -26.77
N ARG H 119 15.69 -14.94 -26.89
CA ARG H 119 16.90 -14.50 -26.17
C ARG H 119 17.01 -12.97 -26.14
N GLY H 120 16.79 -12.31 -27.29
CA GLY H 120 16.87 -10.86 -27.37
C GLY H 120 15.82 -10.13 -26.56
N MET H 121 14.55 -10.52 -26.70
CA MET H 121 13.51 -9.85 -25.91
C MET H 121 13.75 -10.04 -24.42
N VAL H 122 14.18 -11.22 -23.99
CA VAL H 122 14.40 -11.46 -22.56
C VAL H 122 15.55 -10.61 -22.04
N LEU H 123 16.67 -10.57 -22.78
CA LEU H 123 17.78 -9.66 -22.45
C LEU H 123 17.32 -8.20 -22.40
N GLY H 124 16.50 -7.77 -23.37
CA GLY H 124 16.19 -6.35 -23.48
C GLY H 124 15.06 -5.91 -22.57
N SER H 125 14.11 -6.81 -22.31
CA SER H 125 13.05 -6.57 -21.35
C SER H 125 13.60 -6.55 -19.94
N LEU H 126 14.68 -7.30 -19.68
CA LEU H 126 15.24 -7.45 -18.35
C LEU H 126 16.21 -6.32 -17.99
N ALA H 127 16.84 -5.67 -18.99
CA ALA H 127 17.85 -4.63 -18.72
C ALA H 127 17.25 -3.25 -18.48
N ALA H 128 16.00 -3.01 -18.92
CA ALA H 128 15.27 -1.78 -18.62
C ALA H 128 14.16 -2.01 -17.59
N THR H 129 14.36 -2.98 -16.69
CA THR H 129 13.47 -3.24 -15.56
C THR H 129 14.26 -3.47 -14.27
N VAL H 130 15.23 -4.37 -14.36
CA VAL H 130 16.16 -4.51 -13.22
C VAL H 130 17.35 -3.65 -13.61
N ARG H 131 17.77 -2.72 -12.77
CA ARG H 131 18.98 -1.96 -13.15
C ARG H 131 20.16 -2.93 -13.11
N LEU H 132 20.77 -3.19 -14.25
CA LEU H 132 21.98 -4.03 -14.19
C LEU H 132 23.17 -3.07 -14.08
N GLN H 133 23.95 -3.21 -13.01
CA GLN H 133 25.10 -2.32 -12.77
C GLN H 133 26.16 -2.60 -13.83
#